data_8ZCJ
#
_entry.id   8ZCJ
#
_cell.length_a   1.00
_cell.length_b   1.00
_cell.length_c   1.00
_cell.angle_alpha   90.00
_cell.angle_beta   90.00
_cell.angle_gamma   90.00
#
_symmetry.space_group_name_H-M   'P 1'
#
loop_
_entity.id
_entity.type
_entity.pdbx_description
1 polymer 'Guanine nucleotide-binding protein G(i) subunit alpha-1'
2 polymer 'Guanine nucleotide-binding protein G(I)/G(S)/G(T) subunit beta-1'
3 polymer 'Guanine nucleotide-binding protein G(I)/G(S)/G(O) subunit gamma-2'
4 polymer ScFv16
5 polymer 'Beta-2 adrenergic receptor,Somatostatin receptor type 5,lgbit (fusion protein)'
6 polymer 004-DTR-LYS-TYR-PHA-HYP
#
loop_
_entity_poly.entity_id
_entity_poly.type
_entity_poly.pdbx_seq_one_letter_code
_entity_poly.pdbx_strand_id
1 'polypeptide(L)'
;MGCTLSAEDKAAVERSKMIDRNLREDGEKAAREVKLLLLGAGESGKSTIVKQMKIIHEAGYSEEECKQYKAVVYSNTIQS
IIAIIRAMGRLKIDFGDSARADDARQLFVLAGAAEEGFMTAELAGVIKRLWKDSGVQACFNRSREYQLNDSAAYYLNDLD
RIAQPNYIPTQQDVLRTRVKTTGIVETHFTFKDLHFKMFDVGAQRSERKKWIHCFEGVTAIIFCVALSDYDLVLAEDEEM
NRMHESMKLFDSICNNKWFTDTSIILFLNKKDLFEEKIKKSPLTICYPEYAGSNTYEEAAAYIQCQFEDLNKRKDTKEIY
THFTCSTDTKNVQFVFDAVTDVIIKNNLKDCGLF
;
B
2 'polypeptide(L)'
;MHHHHHHGSLLQSELDQLRQEAEQLKNQIRDARKACADATLSQITNNIDPVGRIQMRTRRTLRGHLAKIYAMHWGTDSRL
LVSASQDGKLIIWDSYTTNKVHAIPLRSSWVMTCAYAPSGNYVACGGLDNICSIYNLKTREGNVRVSRELAGHTGYLSCC
RFLDDNQIVTSSGDTTCALWDIETGQQTTTFTGHTGDVMSLSLAPDTRLFVSGACDASAKLWDVREGMCRQTFTGHESDI
NAICFFPNGNAFATGSDDATCRLFDLRADQELMTYSHDNIICGITSVSFSKSGRLLLAGYDDFNCNVWDALKADRAGVLA
GHDNRVSCLGVTDDGMAVATGSWDSFLKIWNGSSGGGGSGGGGSSGVSGWRLFKKIS
;
C
3 'polypeptide(L)' MASNNTASIAQARKLVEQLKMEANIDRIKVSKAAADLMAYCEAHAKEDPLLTPVPASENPFREKKFFCAIL D
4 'polypeptide(L)'
;MLLVNQSHQGFNKEHTSKMVSAIVLYVLLAAAAHSAFAVQLVESGGGLVQPGGSRKLSCSASGFAFSSFGMHWVRQAPEK
GLEWVAYISSGSGTIYYADTVKGRFTISRDDPKNTLFLQMTSLRSEDTAMYYCVRSIYYYGSSPFDFWGQGTTLTVSSGG
GGSGGGGSGGGGSSDIVMTQATSSVPVTPGESVSISCRSSKSLLHSNGNTYLYWFLQRPGQSPQLLIYRMSNLASGVPDR
FSGSGSGTAFTLTISRLEAEDVGVYYCMQHLEYPLTFGAGTKLELVDENLYFQGASHHHHHHHH
;
E
5 'polypeptide(L)'
;MKTIIALSYIFCLVFADYKDDDDKMGQPGNGSAFLLAPNGSHAPDHDVMEPLFPASTPSWNASSPGAASGGGDNRTLVGP
APSAGARAVLVPVLYLLVCAAGLGGNTLVIYVVLRFAKMKTVTNIYILNLAVADVLYMLGLPFLATQNAASFWPFGPVLC
RLVMTLDGVNQFTSVFCLTVMSVDRYLAVVHPLSSARWRRPRVAKLASAAAWVLSLCMSLPLLVFADVQEGGTCNASWPE
PVGLWGAVFIIYTAVLGFFAPLLVICLCYLLIVVKVRAAGVRVGCVRRRSERKVTRMVLVVVLVFAGCWLPFFTVNIVNL
AVALPQEPASAGLYFFVVILSYANSCANPVLYGFLSDNFRQSFQKVLCLRKGSGAKDADATEPRPDRIRQQQEATPPAHR
AAANGLMQTSKLVFTLEDFVGDWEQTAAYNLDQVLEQGGVSSLLQNLAVSVTPIQRIVRSGENALKIDIHVIIPYEGLSA
DQMAQIEEVFKVVYPVDDHHFKVILPYGTLVIDGVTPNMLNYFGRPYEGIAVFDGKKITVTGTLWNGNKIIDERLITPDG
SMLFRVTINS
;
G
6 'polypeptide(L)' (004)(DTR)KY(PHA)(HYP) A
#
# COMPACT_ATOMS: atom_id res chain seq x y z
N SER A 6 -14.19 17.63 -15.25
CA SER A 6 -14.30 18.98 -14.73
C SER A 6 -12.97 19.48 -14.21
N ALA A 7 -12.87 20.80 -14.02
CA ALA A 7 -11.67 21.36 -13.40
C ALA A 7 -11.56 20.92 -11.95
N GLU A 8 -12.67 20.52 -11.33
CA GLU A 8 -12.63 19.99 -9.98
C GLU A 8 -11.98 18.62 -9.94
N ASP A 9 -12.38 17.73 -10.85
CA ASP A 9 -11.83 16.38 -10.88
C ASP A 9 -10.36 16.40 -11.26
N LYS A 10 -9.95 17.31 -12.15
CA LYS A 10 -8.53 17.42 -12.48
C LYS A 10 -7.72 17.83 -11.25
N ALA A 11 -8.25 18.75 -10.45
CA ALA A 11 -7.54 19.17 -9.25
C ALA A 11 -7.54 18.07 -8.20
N ALA A 12 -8.63 17.30 -8.12
CA ALA A 12 -8.65 16.14 -7.22
C ALA A 12 -7.60 15.12 -7.63
N VAL A 13 -7.47 14.87 -8.93
CA VAL A 13 -6.48 13.93 -9.43
C VAL A 13 -5.07 14.45 -9.17
N GLU A 14 -4.85 15.76 -9.31
CA GLU A 14 -3.54 16.32 -8.98
C GLU A 14 -3.24 16.16 -7.50
N ARG A 15 -4.24 16.38 -6.64
CA ARG A 15 -4.04 16.18 -5.21
C ARG A 15 -3.72 14.72 -4.89
N SER A 16 -4.42 13.80 -5.55
CA SER A 16 -4.17 12.38 -5.35
C SER A 16 -2.75 12.00 -5.80
N LYS A 17 -2.29 12.59 -6.91
CA LYS A 17 -0.93 12.34 -7.35
C LYS A 17 0.09 12.93 -6.38
N MET A 18 -0.23 14.09 -5.78
CA MET A 18 0.64 14.65 -4.75
C MET A 18 0.72 13.72 -3.55
N ILE A 19 -0.42 13.15 -3.15
CA ILE A 19 -0.42 12.17 -2.07
C ILE A 19 0.40 10.94 -2.46
N ASP A 20 0.26 10.48 -3.71
CA ASP A 20 1.08 9.38 -4.20
C ASP A 20 2.55 9.68 -4.05
N ARG A 21 2.99 10.86 -4.48
CA ARG A 21 4.41 11.21 -4.42
C ARG A 21 4.91 11.25 -2.98
N ASN A 22 4.20 11.99 -2.12
CA ASN A 22 4.64 12.10 -0.73
C ASN A 22 4.61 10.75 -0.02
N LEU A 23 3.62 9.93 -0.33
CA LEU A 23 3.46 8.64 0.32
C LEU A 23 4.53 7.66 -0.14
N ARG A 24 4.87 7.68 -1.43
CA ARG A 24 5.97 6.84 -1.91
C ARG A 24 7.29 7.28 -1.31
N GLU A 25 7.49 8.59 -1.15
CA GLU A 25 8.69 9.07 -0.47
C GLU A 25 8.75 8.55 0.97
N ASP A 26 7.61 8.59 1.67
CA ASP A 26 7.57 8.08 3.03
C ASP A 26 7.83 6.58 3.08
N GLY A 27 7.25 5.83 2.15
CA GLY A 27 7.48 4.39 2.13
C GLY A 27 8.92 4.03 1.82
N GLU A 28 9.54 4.76 0.90
CA GLU A 28 10.94 4.51 0.59
C GLU A 28 11.85 4.92 1.76
N LYS A 29 11.41 5.90 2.53
CA LYS A 29 12.18 6.30 3.69
C LYS A 29 11.97 5.26 4.77
N ALA A 30 10.72 4.87 4.97
CA ALA A 30 10.42 3.84 5.95
C ALA A 30 11.23 2.60 5.63
N ALA A 31 11.34 2.26 4.35
CA ALA A 31 12.08 1.06 3.94
C ALA A 31 13.49 1.03 4.53
N ARG A 32 14.14 2.19 4.58
CA ARG A 32 15.50 2.25 5.11
C ARG A 32 15.53 1.97 6.61
N GLU A 33 14.38 2.03 7.29
CA GLU A 33 14.39 1.84 8.73
C GLU A 33 14.52 0.34 8.98
N VAL A 34 15.57 -0.06 9.69
CA VAL A 34 15.74 -1.47 10.02
C VAL A 34 14.94 -1.79 11.27
N LYS A 35 14.23 -2.91 11.26
CA LYS A 35 13.42 -3.27 12.42
C LYS A 35 14.07 -4.42 13.18
N LEU A 36 13.93 -4.39 14.50
CA LEU A 36 14.49 -5.42 15.37
C LEU A 36 13.49 -5.71 16.48
N LEU A 37 12.84 -6.86 16.42
CA LEU A 37 11.92 -7.28 17.46
C LEU A 37 12.71 -7.87 18.62
N LEU A 38 12.50 -7.36 19.82
CA LEU A 38 13.21 -7.83 20.99
C LEU A 38 12.46 -8.82 21.85
N LEU A 39 12.98 -10.03 21.97
CA LEU A 39 12.24 -11.07 22.69
C LEU A 39 12.95 -11.74 23.83
N GLY A 40 13.75 -11.01 24.59
CA GLY A 40 14.32 -11.64 25.76
C GLY A 40 13.27 -12.05 26.78
N ALA A 41 13.65 -12.92 27.70
CA ALA A 41 12.72 -13.31 28.75
C ALA A 41 12.85 -12.34 29.91
N GLY A 42 12.19 -12.65 31.02
CA GLY A 42 12.35 -11.80 32.20
C GLY A 42 13.71 -12.01 32.82
N GLU A 43 14.21 -11.03 33.57
CA GLU A 43 15.49 -11.16 34.26
C GLU A 43 16.52 -11.36 33.17
N SER A 44 16.21 -10.87 31.98
CA SER A 44 17.14 -11.05 30.85
C SER A 44 17.90 -9.80 30.38
N GLY A 45 17.93 -8.75 31.19
CA GLY A 45 18.67 -7.54 30.85
C GLY A 45 18.27 -6.91 29.53
N LYS A 46 17.01 -7.10 29.13
CA LYS A 46 16.51 -6.45 27.92
C LYS A 46 16.72 -5.01 28.24
N SER A 47 16.68 -4.69 29.53
CA SER A 47 16.94 -3.34 29.97
C SER A 47 18.34 -2.90 29.67
N THR A 48 19.32 -3.73 30.02
CA THR A 48 20.70 -3.35 29.83
C THR A 48 20.88 -3.00 28.39
N ILE A 49 19.97 -3.50 27.57
CA ILE A 49 20.10 -3.24 26.14
C ILE A 49 19.35 -2.00 25.66
N VAL A 50 18.16 -1.76 26.22
CA VAL A 50 17.45 -0.54 25.87
C VAL A 50 18.03 0.66 26.59
N LYS A 51 18.88 0.45 27.58
CA LYS A 51 19.48 1.57 28.32
C LYS A 51 20.72 2.11 27.64
N GLN A 52 21.74 1.26 27.44
CA GLN A 52 23.02 1.82 27.02
C GLN A 52 23.06 2.18 25.54
N MET A 53 22.10 1.70 24.75
CA MET A 53 22.04 1.98 23.31
C MET A 53 20.80 2.84 23.05
N LYS A 54 20.97 4.15 23.16
CA LYS A 54 19.87 5.08 22.97
C LYS A 54 20.21 6.16 21.95
N THR A 182 2.75 1.58 28.01
CA THR A 182 1.84 0.45 27.86
C THR A 182 2.03 -0.19 26.50
N GLY A 183 1.89 -1.50 26.43
CA GLY A 183 2.02 -2.18 25.15
C GLY A 183 3.36 -2.41 24.50
N ILE A 184 4.11 -1.34 24.28
CA ILE A 184 5.38 -1.47 23.58
C ILE A 184 6.30 -0.27 23.68
N VAL A 185 7.57 -0.46 23.33
CA VAL A 185 8.57 0.62 23.35
C VAL A 185 9.32 0.54 22.03
N GLU A 186 8.94 1.39 21.08
CA GLU A 186 9.56 1.42 19.76
C GLU A 186 10.77 2.34 19.84
N THR A 187 11.84 1.85 20.46
CA THR A 187 13.03 2.66 20.66
C THR A 187 13.74 2.88 19.33
N HIS A 188 13.93 4.14 18.96
CA HIS A 188 14.68 4.51 17.77
C HIS A 188 16.09 4.91 18.21
N PHE A 189 17.06 4.04 17.96
CA PHE A 189 18.43 4.21 18.44
C PHE A 189 19.40 4.32 17.26
N THR A 190 18.91 4.88 16.16
CA THR A 190 19.70 5.06 14.96
C THR A 190 21.02 5.77 15.28
N PHE A 191 22.12 5.06 15.10
CA PHE A 191 23.40 5.53 15.61
C PHE A 191 24.51 5.61 14.57
N LYS A 192 24.57 4.65 13.63
CA LYS A 192 25.63 4.62 12.61
C LYS A 192 24.99 4.47 11.24
N ASP A 193 24.47 5.60 10.76
CA ASP A 193 23.79 5.62 9.49
C ASP A 193 22.90 4.44 9.22
N LEU A 194 22.26 3.95 10.24
CA LEU A 194 21.31 2.91 9.99
C LEU A 194 20.12 3.33 10.79
N HIS A 195 18.96 3.28 10.21
CA HIS A 195 17.73 3.77 10.81
C HIS A 195 17.18 2.64 11.68
N PHE A 196 17.82 2.45 12.82
CA PHE A 196 17.46 1.36 13.71
C PHE A 196 16.11 1.57 14.38
N LYS A 197 15.38 0.49 14.59
CA LYS A 197 14.05 0.57 15.20
C LYS A 197 13.83 -0.69 16.02
N MET A 198 14.14 -0.65 17.31
CA MET A 198 14.03 -1.80 18.18
C MET A 198 12.68 -1.77 18.88
N PHE A 199 11.82 -2.73 18.58
CA PHE A 199 10.54 -2.86 19.27
C PHE A 199 10.76 -3.75 20.49
N ASP A 200 10.86 -3.12 21.65
CA ASP A 200 10.95 -3.82 22.92
C ASP A 200 9.51 -4.04 23.37
N VAL A 201 9.06 -5.29 23.34
CA VAL A 201 7.70 -5.61 23.73
C VAL A 201 7.71 -6.71 24.80
N GLY A 202 7.59 -6.29 26.05
CA GLY A 202 7.53 -7.23 27.15
C GLY A 202 6.38 -6.92 28.08
N ALA A 203 5.70 -5.80 27.81
CA ALA A 203 4.56 -5.37 28.59
C ALA A 203 3.25 -6.02 28.14
N GLN A 204 3.27 -6.74 27.01
CA GLN A 204 2.07 -7.42 26.52
C GLN A 204 1.97 -8.78 27.19
N ARG A 205 1.26 -8.82 28.33
CA ARG A 205 1.00 -10.08 29.02
C ARG A 205 -0.18 -10.80 28.36
N SER A 206 -0.02 -11.06 27.07
CA SER A 206 -1.09 -11.62 26.25
C SER A 206 -0.51 -12.65 25.30
N GLU A 207 -1.40 -13.37 24.61
CA GLU A 207 -0.98 -14.43 23.70
C GLU A 207 -0.12 -13.85 22.57
N ARG A 208 1.01 -14.50 22.31
CA ARG A 208 1.96 -14.03 21.32
C ARG A 208 1.63 -14.50 19.91
N LYS A 209 0.59 -15.31 19.74
CA LYS A 209 0.29 -15.86 18.41
C LYS A 209 -0.21 -14.78 17.46
N LYS A 210 -1.01 -13.83 17.95
CA LYS A 210 -1.72 -12.90 17.08
C LYS A 210 -1.08 -11.52 17.01
N TRP A 211 0.14 -11.36 17.48
CA TRP A 211 0.85 -10.12 17.23
C TRP A 211 2.31 -10.33 16.85
N ILE A 212 2.78 -11.58 16.77
CA ILE A 212 4.14 -11.81 16.32
C ILE A 212 4.22 -11.83 14.80
N HIS A 213 3.12 -12.17 14.12
CA HIS A 213 3.12 -12.16 12.66
C HIS A 213 3.18 -10.75 12.12
N CYS A 214 2.89 -9.75 12.93
CA CYS A 214 3.08 -8.36 12.53
C CYS A 214 4.54 -8.02 12.30
N PHE A 215 5.46 -8.86 12.78
CA PHE A 215 6.89 -8.65 12.58
C PHE A 215 7.47 -9.57 11.52
N GLU A 216 6.64 -10.04 10.57
CA GLU A 216 7.15 -10.84 9.46
C GLU A 216 8.30 -10.14 8.76
N GLY A 217 8.10 -8.90 8.36
CA GLY A 217 9.17 -8.16 7.75
C GLY A 217 10.01 -7.51 8.83
N VAL A 218 11.12 -8.16 9.17
CA VAL A 218 12.02 -7.67 10.21
C VAL A 218 13.40 -8.20 9.88
N THR A 219 14.42 -7.38 10.10
CA THR A 219 15.77 -7.79 9.76
C THR A 219 16.22 -8.97 10.61
N ALA A 220 16.10 -8.83 11.93
CA ALA A 220 16.55 -9.87 12.85
C ALA A 220 15.76 -9.78 14.13
N ILE A 221 15.73 -10.89 14.86
CA ILE A 221 15.07 -10.98 16.15
C ILE A 221 16.12 -11.03 17.24
N ILE A 222 16.11 -10.05 18.14
CA ILE A 222 17.11 -9.98 19.21
C ILE A 222 16.54 -10.73 20.40
N PHE A 223 16.95 -11.98 20.57
CA PHE A 223 16.56 -12.81 21.70
C PHE A 223 17.58 -12.67 22.81
N CYS A 224 17.10 -12.56 24.04
CA CYS A 224 17.96 -12.43 25.21
C CYS A 224 17.69 -13.58 26.16
N VAL A 225 18.75 -14.28 26.58
CA VAL A 225 18.65 -15.34 27.56
C VAL A 225 19.65 -15.08 28.67
N ALA A 226 19.20 -15.23 29.91
CA ALA A 226 20.05 -15.02 31.08
C ALA A 226 20.83 -16.30 31.35
N LEU A 227 22.15 -16.25 31.21
CA LEU A 227 22.98 -17.43 31.47
C LEU A 227 22.94 -17.81 32.94
N SER A 228 22.95 -16.82 33.84
CA SER A 228 22.92 -17.11 35.26
C SER A 228 21.62 -17.79 35.69
N ASP A 229 20.56 -17.66 34.89
CA ASP A 229 19.31 -18.35 35.18
C ASP A 229 19.42 -19.77 34.62
N TYR A 230 20.37 -20.54 35.17
CA TYR A 230 20.59 -21.92 34.77
C TYR A 230 20.48 -22.84 35.98
N ASP A 231 20.33 -22.29 37.18
CA ASP A 231 20.16 -23.07 38.39
C ASP A 231 19.00 -22.59 39.25
N LEU A 232 18.36 -21.48 38.90
CA LEU A 232 17.27 -20.92 39.68
C LEU A 232 15.95 -21.45 39.13
N VAL A 233 15.36 -22.42 39.83
CA VAL A 233 14.06 -22.93 39.43
C VAL A 233 12.98 -21.93 39.82
N LEU A 234 11.88 -21.91 39.07
CA LEU A 234 10.77 -21.04 39.38
C LEU A 234 10.10 -21.49 40.68
N ALA A 235 9.88 -20.53 41.59
CA ALA A 235 9.30 -20.87 42.88
C ALA A 235 7.87 -21.38 42.74
N GLU A 236 7.07 -20.74 41.88
CA GLU A 236 5.67 -21.12 41.74
C GLU A 236 5.48 -22.17 40.66
N ASP A 237 6.08 -21.94 39.48
CA ASP A 237 5.91 -22.86 38.36
C ASP A 237 6.69 -24.17 38.53
N GLU A 238 7.69 -24.19 39.40
CA GLU A 238 8.56 -25.37 39.59
C GLU A 238 9.16 -25.80 38.25
N GLU A 239 9.75 -24.84 37.55
CA GLU A 239 10.32 -25.07 36.23
C GLU A 239 11.69 -25.72 36.35
N MET A 240 12.28 -26.05 35.20
CA MET A 240 13.55 -26.77 35.14
C MET A 240 14.69 -25.78 35.05
N ASN A 241 15.05 -25.19 36.20
CA ASN A 241 16.21 -24.31 36.32
C ASN A 241 16.11 -23.09 35.40
N ARG A 242 14.87 -22.71 35.07
CA ARG A 242 14.61 -21.52 34.26
C ARG A 242 15.35 -21.56 32.93
N MET A 243 15.56 -22.74 32.40
CA MET A 243 16.24 -22.88 31.12
C MET A 243 15.40 -23.63 30.09
N HIS A 244 14.70 -24.69 30.50
CA HIS A 244 13.80 -25.36 29.57
C HIS A 244 12.67 -24.45 29.14
N GLU A 245 12.27 -23.49 29.99
CA GLU A 245 11.34 -22.46 29.55
C GLU A 245 11.97 -21.59 28.47
N SER A 246 13.22 -21.17 28.69
CA SER A 246 13.93 -20.39 27.68
C SER A 246 14.17 -21.20 26.42
N MET A 247 14.51 -22.49 26.57
CA MET A 247 14.71 -23.33 25.40
C MET A 247 13.41 -23.51 24.62
N LYS A 248 12.29 -23.68 25.32
CA LYS A 248 11.00 -23.78 24.65
C LYS A 248 10.66 -22.48 23.94
N LEU A 249 10.96 -21.34 24.57
CA LEU A 249 10.72 -20.05 23.93
C LEU A 249 11.56 -19.91 22.67
N PHE A 250 12.83 -20.31 22.72
CA PHE A 250 13.70 -20.21 21.56
C PHE A 250 13.23 -21.14 20.45
N ASP A 251 12.78 -22.35 20.80
CA ASP A 251 12.23 -23.24 19.80
C ASP A 251 10.98 -22.67 19.16
N SER A 252 10.11 -22.06 19.97
CA SER A 252 8.88 -21.50 19.44
C SER A 252 9.22 -20.32 18.53
N ILE A 253 10.17 -19.49 18.92
CA ILE A 253 10.52 -18.32 18.13
C ILE A 253 11.28 -18.63 16.84
N CYS A 254 12.21 -19.58 16.89
CA CYS A 254 13.05 -19.91 15.75
C CYS A 254 12.39 -20.84 14.76
N ASN A 255 11.14 -21.24 15.00
CA ASN A 255 10.48 -22.19 14.10
C ASN A 255 9.07 -21.75 13.70
N ASN A 256 8.71 -20.49 13.89
CA ASN A 256 7.42 -20.03 13.38
C ASN A 256 7.42 -20.02 11.87
N LYS A 257 6.23 -20.16 11.29
CA LYS A 257 6.09 -20.01 9.86
C LYS A 257 6.40 -18.59 9.40
N TRP A 258 6.35 -17.63 10.31
CA TRP A 258 6.64 -16.24 10.00
C TRP A 258 8.11 -15.88 10.22
N PHE A 259 8.91 -16.81 10.74
CA PHE A 259 10.31 -16.54 11.04
C PHE A 259 11.23 -17.59 10.44
N THR A 260 10.84 -18.15 9.28
CA THR A 260 11.68 -19.16 8.64
C THR A 260 12.99 -18.57 8.16
N ASP A 261 12.94 -17.41 7.51
CA ASP A 261 14.12 -16.79 6.91
C ASP A 261 14.62 -15.58 7.70
N THR A 262 14.10 -15.37 8.91
CA THR A 262 14.50 -14.23 9.72
C THR A 262 15.61 -14.63 10.67
N SER A 263 16.77 -13.99 10.55
CA SER A 263 17.90 -14.30 11.39
C SER A 263 17.61 -13.92 12.83
N ILE A 264 18.26 -14.62 13.76
CA ILE A 264 18.08 -14.41 15.19
C ILE A 264 19.43 -14.10 15.81
N ILE A 265 19.52 -12.98 16.49
CA ILE A 265 20.64 -12.68 17.37
C ILE A 265 20.31 -13.25 18.74
N LEU A 266 21.29 -13.87 19.39
CA LEU A 266 21.12 -14.40 20.74
C LEU A 266 22.10 -13.66 21.64
N PHE A 267 21.61 -13.21 22.80
CA PHE A 267 22.41 -12.48 23.77
C PHE A 267 22.47 -13.29 25.06
N LEU A 268 23.68 -13.68 25.45
CA LEU A 268 23.92 -14.31 26.75
C LEU A 268 23.87 -13.21 27.81
N ASN A 269 22.68 -12.99 28.39
CA ASN A 269 22.44 -11.80 29.19
C ASN A 269 23.30 -11.76 30.44
N LYS A 270 23.39 -12.86 31.17
CA LYS A 270 24.07 -12.83 32.46
C LYS A 270 25.31 -13.71 32.48
N LYS A 271 26.11 -13.62 31.42
CA LYS A 271 27.33 -14.42 31.34
C LYS A 271 28.36 -13.97 32.38
N ASP A 272 28.39 -12.68 32.70
CA ASP A 272 29.38 -12.16 33.63
C ASP A 272 29.21 -12.77 35.02
N LEU A 273 27.97 -12.87 35.49
CA LEU A 273 27.70 -13.47 36.79
C LEU A 273 27.65 -14.99 36.73
N PHE A 274 27.64 -15.58 35.54
CA PHE A 274 27.57 -17.03 35.44
C PHE A 274 28.87 -17.69 35.88
N GLU A 275 30.00 -16.99 35.76
CA GLU A 275 31.25 -17.53 36.26
C GLU A 275 31.21 -17.72 37.77
N GLU A 276 30.65 -16.74 38.48
CA GLU A 276 30.47 -16.90 39.93
C GLU A 276 29.39 -17.93 40.23
N LYS A 277 28.30 -17.93 39.45
CA LYS A 277 27.21 -18.87 39.69
C LYS A 277 27.61 -20.32 39.44
N ILE A 278 28.67 -20.56 38.67
CA ILE A 278 29.10 -21.93 38.39
C ILE A 278 30.20 -22.40 39.33
N LYS A 279 30.83 -21.48 40.09
CA LYS A 279 31.89 -21.84 41.01
C LYS A 279 31.36 -22.53 42.26
N LYS A 280 30.11 -22.27 42.63
CA LYS A 280 29.50 -22.88 43.80
C LYS A 280 28.56 -24.03 43.50
N SER A 281 27.83 -23.97 42.38
CA SER A 281 26.92 -25.03 41.94
C SER A 281 27.15 -25.32 40.47
N PRO A 282 27.19 -26.61 40.07
CA PRO A 282 27.50 -26.84 38.65
C PRO A 282 26.30 -27.17 37.78
N LEU A 283 26.55 -27.40 36.49
CA LEU A 283 25.48 -27.76 35.57
C LEU A 283 25.38 -29.28 35.49
N THR A 284 24.82 -29.91 36.51
CA THR A 284 24.69 -31.35 36.52
C THR A 284 23.30 -31.85 36.89
N ILE A 285 22.54 -31.12 37.71
CA ILE A 285 21.18 -31.57 38.01
C ILE A 285 20.32 -31.46 36.77
N CYS A 286 20.57 -30.46 35.94
CA CYS A 286 19.81 -30.24 34.72
C CYS A 286 20.33 -31.07 33.55
N TYR A 287 21.62 -30.94 33.24
CA TYR A 287 22.24 -31.63 32.10
C TYR A 287 23.45 -32.41 32.57
N PRO A 288 23.26 -33.64 33.07
CA PRO A 288 24.43 -34.45 33.46
C PRO A 288 25.34 -34.80 32.30
N GLU A 289 24.85 -34.71 31.07
CA GLU A 289 25.63 -35.03 29.88
C GLU A 289 26.72 -34.00 29.59
N TYR A 290 26.75 -32.88 30.29
CA TYR A 290 27.79 -31.89 30.05
C TYR A 290 29.15 -32.42 30.50
N ALA A 291 30.19 -32.04 29.77
CA ALA A 291 31.53 -32.52 30.07
C ALA A 291 32.05 -31.94 31.38
N GLY A 292 32.15 -30.61 31.45
CA GLY A 292 32.64 -29.94 32.63
C GLY A 292 34.05 -29.44 32.50
N SER A 293 34.24 -28.13 32.71
CA SER A 293 35.57 -27.54 32.64
C SER A 293 35.82 -26.49 33.72
N ASN A 294 34.88 -26.31 34.64
CA ASN A 294 34.99 -25.39 35.78
C ASN A 294 35.19 -23.94 35.36
N THR A 295 35.01 -23.62 34.08
CA THR A 295 35.15 -22.26 33.58
C THR A 295 34.01 -21.96 32.63
N TYR A 296 33.99 -20.72 32.13
CA TYR A 296 32.96 -20.32 31.17
C TYR A 296 33.15 -20.98 29.81
N GLU A 297 34.30 -21.62 29.56
CA GLU A 297 34.43 -22.48 28.40
C GLU A 297 33.43 -23.63 28.45
N GLU A 298 33.19 -24.18 29.64
CA GLU A 298 32.16 -25.21 29.78
C GLU A 298 30.78 -24.65 29.44
N ALA A 299 30.50 -23.42 29.91
CA ALA A 299 29.22 -22.80 29.60
C ALA A 299 29.05 -22.61 28.09
N ALA A 300 30.11 -22.17 27.41
CA ALA A 300 30.04 -22.02 25.96
C ALA A 300 29.91 -23.37 25.27
N ALA A 301 30.48 -24.42 25.85
CA ALA A 301 30.52 -25.74 25.24
C ALA A 301 29.41 -26.66 25.70
N TYR A 302 28.50 -26.19 26.55
CA TYR A 302 27.40 -27.03 27.03
C TYR A 302 26.04 -26.52 26.59
N ILE A 303 25.72 -25.25 26.83
CA ILE A 303 24.38 -24.74 26.59
C ILE A 303 24.33 -23.86 25.34
N GLN A 304 25.43 -23.18 25.01
CA GLN A 304 25.45 -22.36 23.79
C GLN A 304 25.31 -23.23 22.56
N CYS A 305 26.01 -24.36 22.53
CA CYS A 305 25.85 -25.31 21.43
C CYS A 305 24.42 -25.84 21.37
N GLN A 306 23.82 -26.10 22.53
CA GLN A 306 22.44 -26.58 22.55
C GLN A 306 21.50 -25.54 21.97
N PHE A 307 21.75 -24.26 22.22
CA PHE A 307 20.93 -23.21 21.63
C PHE A 307 21.16 -23.11 20.13
N GLU A 308 22.42 -23.25 19.69
CA GLU A 308 22.71 -23.17 18.26
C GLU A 308 22.04 -24.31 17.48
N ASP A 309 22.24 -25.56 17.91
CA ASP A 309 21.73 -26.68 17.15
C ASP A 309 20.21 -26.83 17.27
N LEU A 310 19.57 -26.07 18.14
CA LEU A 310 18.11 -26.09 18.24
C LEU A 310 17.43 -25.51 17.01
N ASN A 311 18.18 -24.84 16.14
CA ASN A 311 17.65 -24.26 14.92
C ASN A 311 17.38 -25.40 13.94
N LYS A 312 16.11 -25.65 13.65
CA LYS A 312 15.77 -26.75 12.75
C LYS A 312 16.18 -26.47 11.31
N ARG A 313 15.86 -25.27 10.81
CA ARG A 313 16.17 -24.91 9.43
C ARG A 313 17.54 -24.25 9.42
N LYS A 314 18.59 -25.07 9.43
CA LYS A 314 19.95 -24.58 9.54
C LYS A 314 20.45 -23.91 8.27
N ASP A 315 19.72 -24.00 7.17
CA ASP A 315 20.13 -23.43 5.89
C ASP A 315 19.49 -22.08 5.62
N THR A 316 18.16 -21.99 5.77
CA THR A 316 17.46 -20.75 5.43
C THR A 316 17.87 -19.60 6.34
N LYS A 317 17.99 -19.85 7.64
CA LYS A 317 18.25 -18.80 8.62
C LYS A 317 19.53 -19.09 9.39
N GLU A 318 20.18 -18.03 9.83
CA GLU A 318 21.40 -18.11 10.63
C GLU A 318 21.13 -17.63 12.04
N ILE A 319 21.77 -18.28 13.01
CA ILE A 319 21.59 -17.92 14.42
C ILE A 319 22.88 -17.29 14.92
N TYR A 320 22.97 -15.96 14.86
CA TYR A 320 24.11 -15.27 15.44
C TYR A 320 24.03 -15.32 16.96
N THR A 321 25.18 -15.43 17.61
CA THR A 321 25.24 -15.51 19.07
C THR A 321 26.33 -14.60 19.61
N HIS A 322 26.09 -14.05 20.79
CA HIS A 322 27.02 -13.13 21.41
C HIS A 322 26.80 -13.15 22.91
N PHE A 323 27.82 -12.73 23.64
CA PHE A 323 27.77 -12.65 25.10
C PHE A 323 27.47 -11.21 25.50
N THR A 324 26.31 -10.99 26.12
CA THR A 324 25.91 -9.65 26.52
C THR A 324 26.80 -9.16 27.64
N CYS A 325 27.76 -8.30 27.30
CA CYS A 325 28.74 -7.81 28.25
C CYS A 325 28.52 -6.32 28.51
N SER A 326 29.32 -5.78 29.44
CA SER A 326 29.28 -4.37 29.78
C SER A 326 30.13 -3.53 28.85
N THR A 327 30.49 -4.05 27.68
CA THR A 327 31.25 -3.27 26.72
C THR A 327 30.43 -2.08 26.24
N ASP A 328 31.12 -0.97 25.96
CA ASP A 328 30.42 0.26 25.60
C ASP A 328 29.67 0.10 24.27
N THR A 329 30.29 -0.57 23.30
CA THR A 329 29.77 -0.61 21.95
C THR A 329 29.81 -1.97 21.29
N LYS A 330 30.55 -2.94 21.84
CA LYS A 330 30.58 -4.28 21.27
C LYS A 330 29.20 -4.92 21.31
N ASN A 331 28.47 -4.72 22.40
CA ASN A 331 27.12 -5.25 22.53
C ASN A 331 26.20 -4.72 21.44
N VAL A 332 26.50 -3.55 20.87
CA VAL A 332 25.74 -3.05 19.75
C VAL A 332 26.49 -3.21 18.42
N GLN A 333 27.82 -3.34 18.46
CA GLN A 333 28.56 -3.60 17.23
C GLN A 333 28.21 -4.97 16.67
N PHE A 334 28.05 -5.97 17.54
CA PHE A 334 27.62 -7.28 17.05
C PHE A 334 26.24 -7.19 16.40
N VAL A 335 25.33 -6.43 17.01
CA VAL A 335 24.02 -6.22 16.41
C VAL A 335 24.16 -5.58 15.04
N PHE A 336 24.99 -4.54 14.94
CA PHE A 336 25.15 -3.83 13.68
C PHE A 336 25.73 -4.74 12.60
N ASP A 337 26.70 -5.58 12.96
CA ASP A 337 27.26 -6.53 12.00
C ASP A 337 26.20 -7.52 11.55
N ALA A 338 25.37 -8.01 12.47
CA ALA A 338 24.31 -8.94 12.07
C ALA A 338 23.31 -8.26 11.13
N VAL A 339 22.97 -7.01 11.41
CA VAL A 339 22.08 -6.26 10.51
C VAL A 339 22.70 -6.11 9.13
N THR A 340 23.99 -5.76 9.07
CA THR A 340 24.59 -5.55 7.76
C THR A 340 24.67 -6.86 6.99
N ASP A 341 24.85 -7.98 7.70
CA ASP A 341 24.95 -9.27 7.05
C ASP A 341 23.60 -9.65 6.49
N VAL A 342 22.55 -9.51 7.30
CA VAL A 342 21.21 -9.87 6.86
C VAL A 342 20.77 -8.95 5.74
N ILE A 343 21.27 -7.72 5.79
CA ILE A 343 20.87 -6.74 4.79
C ILE A 343 21.44 -7.18 3.46
N ILE A 344 22.75 -7.40 3.39
CA ILE A 344 23.40 -7.83 2.16
C ILE A 344 22.73 -9.09 1.62
N LYS A 345 22.53 -10.07 2.50
CA LYS A 345 21.90 -11.31 2.07
C LYS A 345 20.54 -11.04 1.46
N ASN A 346 19.79 -10.11 2.03
CA ASN A 346 18.46 -9.79 1.51
C ASN A 346 18.57 -9.07 0.17
N ASN A 347 19.56 -8.18 0.04
CA ASN A 347 19.77 -7.50 -1.24
C ASN A 347 20.17 -8.49 -2.33
N LEU A 348 21.00 -9.48 -1.97
CA LEU A 348 21.34 -10.51 -2.94
C LEU A 348 20.10 -11.29 -3.40
N LYS A 349 19.09 -11.39 -2.55
CA LYS A 349 17.83 -12.02 -2.92
C LYS A 349 16.86 -11.04 -3.56
N ASP A 350 17.25 -9.78 -3.73
CA ASP A 350 16.38 -8.74 -4.28
C ASP A 350 16.66 -8.50 -5.77
N CYS A 351 17.92 -8.62 -6.18
CA CYS A 351 18.30 -8.42 -7.57
C CYS A 351 18.27 -9.75 -8.33
N GLY A 352 17.64 -10.76 -7.75
CA GLY A 352 17.52 -12.02 -8.44
C GLY A 352 18.83 -12.71 -8.76
N LEU A 353 19.77 -12.68 -7.83
CA LEU A 353 21.02 -13.41 -8.01
C LEU A 353 21.35 -14.30 -6.83
N PHE A 354 20.39 -14.57 -5.95
CA PHE A 354 20.61 -15.46 -4.82
C PHE A 354 19.36 -16.29 -4.53
N GLU B 14 -18.31 -24.24 48.74
CA GLU B 14 -17.42 -23.18 48.29
C GLU B 14 -17.04 -23.38 46.83
N LEU B 15 -15.76 -23.70 46.60
CA LEU B 15 -15.28 -23.93 45.24
C LEU B 15 -15.97 -25.14 44.61
N ASP B 16 -16.12 -26.21 45.39
CA ASP B 16 -16.80 -27.40 44.90
C ASP B 16 -18.27 -27.11 44.58
N GLN B 17 -18.92 -26.34 45.46
CA GLN B 17 -20.31 -25.97 45.24
C GLN B 17 -20.46 -25.11 43.98
N LEU B 18 -19.53 -24.16 43.79
CA LEU B 18 -19.55 -23.33 42.60
C LEU B 18 -19.35 -24.16 41.34
N ARG B 19 -18.44 -25.14 41.39
CA ARG B 19 -18.20 -26.00 40.25
C ARG B 19 -19.44 -26.82 39.90
N GLN B 20 -20.13 -27.32 40.91
CA GLN B 20 -21.36 -28.09 40.67
C GLN B 20 -22.42 -27.21 40.02
N GLU B 21 -22.57 -25.97 40.50
CA GLU B 21 -23.54 -25.05 39.92
C GLU B 21 -23.18 -24.72 38.47
N ALA B 22 -21.89 -24.53 38.20
CA ALA B 22 -21.45 -24.24 36.84
C ALA B 22 -21.72 -25.42 35.91
N GLU B 23 -21.46 -26.64 36.39
CA GLU B 23 -21.73 -27.82 35.59
C GLU B 23 -23.23 -27.98 35.33
N GLN B 24 -24.05 -27.74 36.35
CA GLN B 24 -25.50 -27.82 36.19
C GLN B 24 -25.99 -26.77 35.20
N LEU B 25 -25.45 -25.55 35.30
CA LEU B 25 -25.82 -24.50 34.37
C LEU B 25 -25.38 -24.85 32.94
N LYS B 26 -24.22 -25.48 32.81
CA LYS B 26 -23.74 -25.87 31.48
C LYS B 26 -24.67 -26.89 30.83
N ASN B 27 -25.17 -27.84 31.61
CA ASN B 27 -26.12 -28.81 31.07
C ASN B 27 -27.41 -28.14 30.61
N GLN B 28 -27.90 -27.17 31.38
CA GLN B 28 -29.16 -26.51 31.05
C GLN B 28 -29.04 -25.73 29.75
N ILE B 29 -27.95 -24.98 29.58
CA ILE B 29 -27.80 -24.16 28.37
C ILE B 29 -27.56 -25.04 27.15
N ARG B 30 -26.79 -26.12 27.30
CA ARG B 30 -26.57 -27.03 26.18
C ARG B 30 -27.86 -27.71 25.76
N ASP B 31 -28.67 -28.15 26.73
CA ASP B 31 -29.96 -28.77 26.40
C ASP B 31 -30.90 -27.76 25.77
N ALA B 32 -30.90 -26.52 26.27
CA ALA B 32 -31.76 -25.48 25.70
C ALA B 32 -31.38 -25.19 24.24
N ARG B 33 -30.08 -25.15 23.95
CA ARG B 33 -29.64 -24.94 22.57
C ARG B 33 -30.04 -26.10 21.68
N LYS B 34 -29.97 -27.32 22.19
CA LYS B 34 -30.35 -28.50 21.43
C LYS B 34 -31.86 -28.76 21.45
N ALA B 35 -32.63 -27.97 22.19
CA ALA B 35 -34.07 -28.14 22.27
C ALA B 35 -34.83 -27.37 21.19
N CYS B 36 -34.14 -26.93 20.12
CA CYS B 36 -34.78 -26.19 19.04
C CYS B 36 -35.36 -27.17 18.03
N ALA B 37 -36.26 -28.02 18.55
CA ALA B 37 -36.87 -29.02 17.70
C ALA B 37 -35.81 -29.77 16.94
N ASP B 38 -36.13 -30.14 15.72
CA ASP B 38 -35.15 -30.83 14.88
C ASP B 38 -34.17 -29.86 14.24
N ALA B 39 -34.67 -28.90 13.48
CA ALA B 39 -33.89 -27.81 12.92
C ALA B 39 -32.69 -28.32 12.12
N THR B 40 -32.96 -29.29 11.24
CA THR B 40 -31.95 -29.80 10.33
C THR B 40 -31.68 -28.71 9.29
N LEU B 41 -30.59 -27.96 9.49
CA LEU B 41 -30.33 -26.79 8.66
C LEU B 41 -30.16 -27.17 7.19
N SER B 42 -29.32 -28.18 6.92
CA SER B 42 -29.05 -28.57 5.54
C SER B 42 -30.30 -29.09 4.85
N GLN B 43 -31.15 -29.81 5.59
CA GLN B 43 -32.36 -30.39 4.99
C GLN B 43 -33.36 -29.31 4.62
N ILE B 44 -33.54 -28.30 5.49
CA ILE B 44 -34.57 -27.29 5.30
C ILE B 44 -34.09 -26.09 4.51
N THR B 45 -32.79 -25.83 4.48
CA THR B 45 -32.26 -24.67 3.75
C THR B 45 -31.98 -25.10 2.30
N ASN B 46 -33.06 -25.13 1.51
CA ASN B 46 -32.99 -25.46 0.10
C ASN B 46 -33.86 -24.47 -0.66
N ASN B 47 -33.24 -23.40 -1.16
CA ASN B 47 -33.94 -22.36 -1.89
C ASN B 47 -33.48 -22.36 -3.35
N ILE B 48 -34.11 -21.53 -4.15
CA ILE B 48 -33.87 -21.50 -5.59
C ILE B 48 -33.01 -20.28 -5.94
N ASP B 49 -32.13 -19.85 -5.04
CA ASP B 49 -31.22 -18.74 -5.31
C ASP B 49 -29.86 -19.02 -4.66
N PRO B 50 -29.19 -20.12 -5.05
CA PRO B 50 -27.82 -20.32 -4.57
C PRO B 50 -26.81 -19.67 -5.51
N VAL B 51 -25.95 -18.80 -4.97
CA VAL B 51 -24.94 -18.16 -5.79
C VAL B 51 -24.03 -19.23 -6.37
N GLY B 52 -23.85 -19.22 -7.69
CA GLY B 52 -23.02 -20.20 -8.35
C GLY B 52 -21.55 -19.82 -8.34
N ARG B 53 -21.25 -18.64 -8.86
CA ARG B 53 -19.89 -18.11 -8.87
C ARG B 53 -19.99 -16.59 -8.98
N ILE B 54 -19.52 -15.88 -7.95
CA ILE B 54 -19.54 -14.43 -7.98
C ILE B 54 -18.68 -13.90 -9.12
N GLN B 55 -17.45 -14.39 -9.21
CA GLN B 55 -16.51 -14.00 -10.28
C GLN B 55 -16.40 -12.47 -10.32
N MET B 56 -16.25 -11.87 -9.14
CA MET B 56 -16.06 -10.43 -9.08
C MET B 56 -14.71 -10.07 -9.68
N ARG B 57 -14.71 -9.09 -10.58
CA ARG B 57 -13.47 -8.66 -11.19
C ARG B 57 -12.96 -7.38 -10.53
N THR B 58 -11.65 -7.20 -10.59
CA THR B 58 -10.99 -6.07 -9.92
C THR B 58 -11.33 -4.81 -10.69
N ARG B 59 -12.40 -4.12 -10.26
CA ARG B 59 -12.78 -2.88 -10.91
C ARG B 59 -11.72 -1.81 -10.74
N ARG B 60 -11.17 -1.68 -9.54
CA ARG B 60 -10.09 -0.74 -9.27
C ARG B 60 -9.05 -1.44 -8.40
N THR B 61 -7.81 -1.01 -8.55
CA THR B 61 -6.71 -1.45 -7.69
C THR B 61 -6.17 -0.20 -7.01
N LEU B 62 -6.51 -0.03 -5.74
CA LEU B 62 -6.06 1.14 -4.97
C LEU B 62 -4.62 0.91 -4.51
N ARG B 63 -3.72 0.89 -5.49
CA ARG B 63 -2.31 0.72 -5.19
C ARG B 63 -1.77 1.94 -4.45
N GLY B 64 -0.70 1.73 -3.71
CA GLY B 64 -0.06 2.81 -3.00
C GLY B 64 0.44 2.45 -1.63
N HIS B 65 -0.24 1.55 -0.94
CA HIS B 65 0.28 1.06 0.33
C HIS B 65 1.56 0.26 0.11
N LEU B 66 2.50 0.36 1.05
CA LEU B 66 3.79 -0.29 0.91
C LEU B 66 4.09 -1.18 2.11
N ALA B 67 3.08 -1.86 2.62
CA ALA B 67 3.24 -2.78 3.74
C ALA B 67 1.97 -3.61 3.85
N LYS B 68 1.97 -4.55 4.77
CA LYS B 68 0.78 -5.38 4.99
C LYS B 68 -0.39 -4.50 5.41
N ILE B 69 -1.54 -4.73 4.79
CA ILE B 69 -2.75 -3.98 5.09
C ILE B 69 -3.54 -4.76 6.12
N TYR B 70 -3.85 -4.12 7.25
CA TYR B 70 -4.49 -4.79 8.37
C TYR B 70 -6.00 -4.55 8.45
N ALA B 71 -6.47 -3.35 8.12
CA ALA B 71 -7.90 -3.08 8.23
C ALA B 71 -8.32 -2.05 7.20
N MET B 72 -9.55 -2.21 6.72
CA MET B 72 -10.19 -1.27 5.81
C MET B 72 -11.63 -1.09 6.25
N HIS B 73 -12.12 0.15 6.18
CA HIS B 73 -13.51 0.43 6.51
C HIS B 73 -14.07 1.41 5.50
N TRP B 74 -15.31 1.18 5.08
CA TRP B 74 -15.95 2.05 4.10
C TRP B 74 -16.58 3.26 4.72
N GLY B 75 -17.33 4.01 3.93
CA GLY B 75 -17.95 5.21 4.43
C GLY B 75 -19.44 5.15 4.45
N THR B 76 -20.05 6.14 5.10
CA THR B 76 -21.50 6.21 5.12
C THR B 76 -21.95 6.47 3.69
N ASP B 77 -21.11 7.16 2.93
CA ASP B 77 -21.47 7.48 1.56
C ASP B 77 -21.21 6.34 0.59
N SER B 78 -20.54 5.27 1.03
CA SER B 78 -20.18 4.12 0.20
C SER B 78 -19.24 4.52 -0.93
N ARG B 79 -18.52 5.60 -0.77
CA ARG B 79 -17.57 6.09 -1.75
C ARG B 79 -16.18 6.30 -1.19
N LEU B 80 -16.07 6.82 0.02
CA LEU B 80 -14.78 6.98 0.68
C LEU B 80 -14.53 5.79 1.59
N LEU B 81 -13.32 5.25 1.53
CA LEU B 81 -12.93 4.14 2.40
C LEU B 81 -11.60 4.46 3.05
N VAL B 82 -11.45 4.04 4.29
CA VAL B 82 -10.22 4.21 5.05
C VAL B 82 -9.48 2.88 5.05
N SER B 83 -8.16 2.95 5.10
CA SER B 83 -7.35 1.75 5.10
C SER B 83 -6.13 1.96 5.99
N ALA B 84 -5.78 0.93 6.75
CA ALA B 84 -4.65 0.97 7.66
C ALA B 84 -3.66 -0.14 7.31
N SER B 85 -2.38 0.19 7.35
CA SER B 85 -1.32 -0.75 7.01
C SER B 85 -0.14 -0.58 7.94
N GLN B 86 0.80 -1.53 7.87
CA GLN B 86 1.94 -1.54 8.77
C GLN B 86 2.93 -0.41 8.50
N ASP B 87 2.78 0.30 7.39
CA ASP B 87 3.69 1.39 7.06
C ASP B 87 3.43 2.64 7.90
N GLY B 88 2.59 2.56 8.91
CA GLY B 88 2.23 3.73 9.69
C GLY B 88 1.46 4.75 8.88
N LYS B 89 0.62 4.28 7.97
CA LYS B 89 -0.12 5.16 7.08
C LYS B 89 -1.60 4.84 7.15
N LEU B 90 -2.43 5.87 7.12
CA LEU B 90 -3.87 5.69 7.13
C LEU B 90 -4.37 6.44 5.91
N ILE B 91 -5.00 5.77 4.95
CA ILE B 91 -5.38 6.46 3.71
C ILE B 91 -6.88 6.47 3.41
N ILE B 92 -7.45 7.65 3.13
CA ILE B 92 -8.85 7.68 2.75
C ILE B 92 -8.90 7.74 1.23
N TRP B 93 -9.43 6.69 0.60
CA TRP B 93 -9.45 6.59 -0.85
C TRP B 93 -10.79 7.07 -1.38
N ASP B 94 -10.76 7.74 -2.53
CA ASP B 94 -11.96 7.99 -3.31
C ASP B 94 -12.11 6.79 -4.24
N SER B 95 -12.76 5.73 -3.74
CA SER B 95 -12.85 4.49 -4.48
C SER B 95 -13.53 4.69 -5.83
N TYR B 96 -14.35 5.73 -5.98
CA TYR B 96 -15.00 5.99 -7.25
C TYR B 96 -13.98 6.27 -8.35
N THR B 97 -12.95 7.05 -8.06
CA THR B 97 -11.93 7.40 -9.05
C THR B 97 -10.52 7.08 -8.57
N THR B 98 -10.38 6.27 -7.52
CA THR B 98 -9.09 5.85 -6.99
C THR B 98 -8.18 7.06 -6.73
N ASN B 99 -8.64 7.92 -5.83
CA ASN B 99 -7.93 9.13 -5.46
C ASN B 99 -7.72 9.14 -3.96
N LYS B 100 -6.52 9.54 -3.53
CA LYS B 100 -6.21 9.62 -2.11
C LYS B 100 -6.70 10.95 -1.57
N VAL B 101 -7.91 10.93 -1.01
CA VAL B 101 -8.49 12.13 -0.42
C VAL B 101 -7.64 12.60 0.75
N HIS B 102 -7.23 11.68 1.62
CA HIS B 102 -6.42 11.99 2.79
C HIS B 102 -5.40 10.89 3.02
N ALA B 103 -4.26 11.27 3.58
CA ALA B 103 -3.22 10.33 3.98
C ALA B 103 -2.74 10.75 5.36
N ILE B 104 -3.27 10.13 6.40
CA ILE B 104 -2.97 10.50 7.78
C ILE B 104 -1.80 9.67 8.26
N PRO B 105 -0.64 10.27 8.53
CA PRO B 105 0.43 9.53 9.20
C PRO B 105 0.03 9.18 10.62
N LEU B 106 0.53 8.03 11.09
CA LEU B 106 0.15 7.50 12.38
C LEU B 106 1.36 7.44 13.30
N ARG B 107 1.11 7.72 14.59
CA ARG B 107 2.16 7.61 15.59
C ARG B 107 2.64 6.18 15.73
N SER B 108 1.74 5.21 15.71
CA SER B 108 2.06 3.79 15.83
C SER B 108 1.80 3.12 14.49
N SER B 109 2.81 2.44 13.97
CA SER B 109 2.70 1.70 12.73
C SER B 109 2.17 0.28 12.92
N TRP B 110 1.46 0.03 14.02
CA TRP B 110 1.02 -1.30 14.40
C TRP B 110 -0.50 -1.38 14.49
N VAL B 111 -1.18 -0.83 13.50
CA VAL B 111 -2.62 -0.93 13.47
C VAL B 111 -3.02 -2.38 13.25
N MET B 112 -4.09 -2.80 13.91
CA MET B 112 -4.68 -4.11 13.67
C MET B 112 -6.14 -4.02 13.25
N THR B 113 -6.73 -2.84 13.36
CA THR B 113 -8.15 -2.65 13.06
C THR B 113 -8.43 -1.17 12.91
N CYS B 114 -9.53 -0.78 12.26
CA CYS B 114 -9.88 0.65 12.17
C CYS B 114 -11.34 0.88 11.80
N ALA B 115 -11.75 2.16 11.70
CA ALA B 115 -13.14 2.48 11.38
C ALA B 115 -13.38 3.91 10.84
N TYR B 116 -14.65 4.22 10.58
CA TYR B 116 -15.01 5.52 10.04
C TYR B 116 -16.16 6.03 10.90
N ALA B 117 -16.14 7.30 11.34
CA ALA B 117 -17.22 7.73 12.25
C ALA B 117 -18.54 7.65 11.51
N PRO B 118 -19.68 7.60 12.24
CA PRO B 118 -20.93 7.60 11.44
C PRO B 118 -20.96 8.83 10.55
N SER B 119 -20.38 9.94 11.02
CA SER B 119 -20.31 11.15 10.20
C SER B 119 -19.10 11.16 9.30
N GLY B 120 -18.40 10.03 9.21
CA GLY B 120 -17.19 9.98 8.41
C GLY B 120 -16.36 11.22 8.64
N ASN B 121 -16.22 11.62 9.90
CA ASN B 121 -15.47 12.82 10.22
C ASN B 121 -14.40 12.49 11.23
N TYR B 122 -14.53 11.31 11.83
CA TYR B 122 -13.57 10.82 12.80
C TYR B 122 -13.33 9.42 12.33
N VAL B 123 -12.11 9.17 11.86
CA VAL B 123 -11.74 7.82 11.43
C VAL B 123 -10.75 7.25 12.43
N ALA B 124 -11.14 7.16 13.69
CA ALA B 124 -10.27 6.62 14.73
C ALA B 124 -9.95 5.17 14.48
N CYS B 125 -8.67 4.80 14.62
CA CYS B 125 -8.30 3.40 14.46
C CYS B 125 -7.83 2.86 15.76
N GLY B 126 -7.31 1.64 15.76
CA GLY B 126 -6.94 0.98 17.00
C GLY B 126 -5.68 0.16 16.76
N GLY B 127 -4.71 0.26 17.66
CA GLY B 127 -3.45 -0.46 17.48
C GLY B 127 -2.81 -1.00 18.74
N LEU B 128 -1.69 -1.70 18.59
CA LEU B 128 -1.02 -2.31 19.75
C LEU B 128 -0.44 -1.36 20.78
N ASP B 129 -0.47 -0.05 20.49
CA ASP B 129 -0.03 0.96 21.47
C ASP B 129 -1.14 1.08 22.48
N ASN B 130 -2.23 0.36 22.24
CA ASN B 130 -3.37 0.29 23.17
C ASN B 130 -4.20 1.56 23.22
N ILE B 131 -4.16 2.39 22.17
CA ILE B 131 -4.86 3.66 22.16
C ILE B 131 -5.51 3.86 20.79
N CYS B 132 -6.77 4.29 20.79
CA CYS B 132 -7.41 4.79 19.57
C CYS B 132 -7.17 6.30 19.49
N SER B 133 -6.35 6.73 18.55
CA SER B 133 -6.18 8.16 18.33
C SER B 133 -7.24 8.56 17.30
N ILE B 134 -8.08 9.55 17.61
CA ILE B 134 -9.17 9.93 16.71
C ILE B 134 -8.76 11.01 15.73
N TYR B 135 -9.11 10.87 14.46
CA TYR B 135 -8.65 11.84 13.45
C TYR B 135 -9.78 12.66 12.83
N ASN B 136 -9.80 13.98 13.04
CA ASN B 136 -10.90 14.78 12.57
C ASN B 136 -10.72 15.03 11.07
N LEU B 137 -11.76 14.72 10.28
CA LEU B 137 -11.66 14.84 8.83
C LEU B 137 -12.15 16.20 8.33
N LYS B 138 -13.41 16.50 8.55
CA LYS B 138 -14.00 17.75 8.08
C LYS B 138 -13.78 18.89 9.08
N THR B 139 -12.51 19.20 9.31
CA THR B 139 -12.14 20.29 10.21
C THR B 139 -11.99 21.59 9.45
N ARG B 140 -12.04 22.70 10.19
CA ARG B 140 -11.89 24.01 9.56
C ARG B 140 -10.50 24.19 8.97
N GLU B 141 -9.48 23.59 9.59
CA GLU B 141 -8.14 23.67 9.05
C GLU B 141 -8.00 22.78 7.82
N GLY B 142 -6.90 22.97 7.08
CA GLY B 142 -6.70 22.24 5.84
C GLY B 142 -6.11 20.85 5.98
N ASN B 143 -5.83 20.39 7.19
CA ASN B 143 -5.23 19.08 7.41
C ASN B 143 -6.04 18.31 8.44
N VAL B 144 -5.89 17.00 8.39
CA VAL B 144 -6.56 16.09 9.33
C VAL B 144 -5.64 15.94 10.53
N ARG B 145 -6.16 16.21 11.72
CA ARG B 145 -5.38 16.20 12.94
C ARG B 145 -6.02 15.28 13.97
N VAL B 146 -5.21 14.81 14.92
CA VAL B 146 -5.69 13.91 15.95
C VAL B 146 -6.40 14.71 17.04
N SER B 147 -7.61 14.26 17.40
CA SER B 147 -8.41 14.98 18.38
C SER B 147 -8.20 14.48 19.80
N ARG B 148 -8.49 13.21 20.06
CA ARG B 148 -8.36 12.65 21.40
C ARG B 148 -7.85 11.22 21.28
N GLU B 149 -7.02 10.80 22.24
CA GLU B 149 -6.53 9.44 22.32
C GLU B 149 -7.20 8.72 23.48
N LEU B 150 -7.68 7.51 23.24
CA LEU B 150 -8.44 6.74 24.22
C LEU B 150 -7.50 5.79 24.94
N ALA B 151 -6.83 6.32 25.97
CA ALA B 151 -5.86 5.55 26.75
C ALA B 151 -6.52 4.96 27.98
N GLY B 152 -6.01 3.80 28.40
CA GLY B 152 -6.61 3.09 29.52
C GLY B 152 -6.76 1.60 29.27
N HIS B 153 -6.12 1.10 28.21
CA HIS B 153 -6.15 -0.31 27.88
C HIS B 153 -4.78 -0.93 28.11
N THR B 154 -4.77 -2.16 28.60
CA THR B 154 -3.52 -2.88 28.85
C THR B 154 -3.12 -3.77 27.69
N GLY B 155 -4.08 -4.45 27.07
CA GLY B 155 -3.80 -5.25 25.90
C GLY B 155 -3.82 -4.43 24.62
N TYR B 156 -3.45 -5.08 23.52
CA TYR B 156 -3.40 -4.43 22.22
C TYR B 156 -4.82 -4.22 21.70
N LEU B 157 -5.10 -3.03 21.18
CA LEU B 157 -6.42 -2.74 20.64
C LEU B 157 -6.68 -3.60 19.41
N SER B 158 -7.84 -4.28 19.40
CA SER B 158 -8.12 -5.30 18.41
C SER B 158 -9.34 -5.05 17.55
N CYS B 159 -10.29 -4.21 17.99
CA CYS B 159 -11.36 -3.74 17.10
C CYS B 159 -11.89 -2.43 17.69
N CYS B 160 -11.49 -1.32 17.09
CA CYS B 160 -11.85 -0.01 17.60
C CYS B 160 -12.87 0.64 16.68
N ARG B 161 -14.09 0.84 17.20
CA ARG B 161 -15.25 1.15 16.37
C ARG B 161 -15.79 2.52 16.75
N PHE B 162 -16.94 2.86 16.17
CA PHE B 162 -17.59 4.17 16.34
C PHE B 162 -19.08 3.98 16.49
N LEU B 163 -19.64 4.48 17.58
CA LEU B 163 -21.09 4.55 17.72
C LEU B 163 -21.65 5.88 17.21
N ASP B 164 -20.99 6.98 17.54
CA ASP B 164 -21.34 8.30 17.06
C ASP B 164 -20.09 9.18 17.14
N ASP B 165 -20.26 10.48 16.95
CA ASP B 165 -19.12 11.40 16.96
C ASP B 165 -18.42 11.47 18.30
N ASN B 166 -19.08 11.04 19.39
CA ASN B 166 -18.51 11.13 20.71
C ASN B 166 -18.41 9.80 21.45
N GLN B 167 -18.97 8.72 20.91
CA GLN B 167 -18.98 7.42 21.57
C GLN B 167 -18.24 6.41 20.71
N ILE B 168 -17.20 5.81 21.28
CA ILE B 168 -16.40 4.79 20.63
C ILE B 168 -16.23 3.62 21.58
N VAL B 169 -16.40 2.41 21.07
CA VAL B 169 -16.19 1.18 21.84
C VAL B 169 -15.07 0.39 21.18
N THR B 170 -14.08 -0.03 21.98
CA THR B 170 -12.88 -0.65 21.46
C THR B 170 -12.65 -2.01 22.10
N SER B 171 -12.13 -2.95 21.31
CA SER B 171 -11.68 -4.24 21.81
C SER B 171 -10.18 -4.20 22.02
N SER B 172 -9.73 -4.80 23.12
CA SER B 172 -8.33 -4.75 23.50
C SER B 172 -7.79 -6.17 23.64
N GLY B 173 -6.46 -6.28 23.75
CA GLY B 173 -5.85 -7.57 23.99
C GLY B 173 -6.24 -8.17 25.32
N ASP B 174 -6.28 -7.35 26.37
CA ASP B 174 -6.74 -7.82 27.66
C ASP B 174 -8.17 -8.33 27.49
N THR B 175 -8.60 -9.16 28.43
CA THR B 175 -9.90 -9.82 28.32
C THR B 175 -10.97 -8.85 28.84
N THR B 176 -11.11 -7.74 28.12
CA THR B 176 -12.06 -6.70 28.47
C THR B 176 -12.22 -5.75 27.30
N CYS B 177 -13.46 -5.32 27.08
CA CYS B 177 -13.78 -4.27 26.13
C CYS B 177 -14.26 -3.05 26.91
N ALA B 178 -14.28 -1.89 26.25
CA ALA B 178 -14.58 -0.65 26.93
C ALA B 178 -15.32 0.29 26.00
N LEU B 179 -16.24 1.07 26.56
CA LEU B 179 -16.95 2.13 25.85
C LEU B 179 -16.46 3.47 26.38
N TRP B 180 -16.20 4.41 25.48
CA TRP B 180 -15.53 5.65 25.83
C TRP B 180 -16.37 6.85 25.44
N ASP B 181 -16.00 7.98 26.03
CA ASP B 181 -16.53 9.29 25.66
C ASP B 181 -15.39 10.09 25.04
N ILE B 182 -15.51 10.39 23.75
CA ILE B 182 -14.41 11.02 23.03
C ILE B 182 -14.12 12.41 23.58
N GLU B 183 -15.17 13.14 23.98
CA GLU B 183 -14.99 14.51 24.47
C GLU B 183 -14.13 14.53 25.73
N THR B 184 -14.38 13.62 26.66
CA THR B 184 -13.63 13.59 27.91
C THR B 184 -12.44 12.64 27.86
N GLY B 185 -12.52 11.57 27.07
CA GLY B 185 -11.43 10.62 26.97
C GLY B 185 -11.40 9.56 28.04
N GLN B 186 -12.46 9.41 28.81
CA GLN B 186 -12.53 8.43 29.89
C GLN B 186 -13.59 7.39 29.60
N GLN B 187 -13.32 6.15 30.00
CA GLN B 187 -14.23 5.05 29.74
C GLN B 187 -15.52 5.24 30.54
N THR B 188 -16.61 5.56 29.85
CA THR B 188 -17.91 5.59 30.51
C THR B 188 -18.35 4.21 30.95
N THR B 189 -17.82 3.16 30.32
CA THR B 189 -18.17 1.79 30.65
C THR B 189 -16.97 0.91 30.36
N THR B 190 -16.92 -0.24 31.04
CA THR B 190 -15.90 -1.25 30.77
C THR B 190 -16.57 -2.62 30.81
N PHE B 191 -16.38 -3.40 29.77
CA PHE B 191 -16.99 -4.72 29.63
C PHE B 191 -15.92 -5.78 29.79
N THR B 192 -15.89 -6.44 30.96
CA THR B 192 -14.87 -7.42 31.30
C THR B 192 -15.54 -8.76 31.62
N GLY B 193 -15.74 -9.57 30.58
CA GLY B 193 -16.31 -10.89 30.75
C GLY B 193 -15.49 -12.00 30.11
N HIS B 194 -14.59 -11.63 29.22
CA HIS B 194 -13.78 -12.60 28.50
C HIS B 194 -12.68 -13.15 29.40
N THR B 195 -12.00 -14.19 28.91
CA THR B 195 -10.89 -14.81 29.62
C THR B 195 -9.55 -14.67 28.92
N GLY B 196 -9.53 -14.65 27.59
CA GLY B 196 -8.30 -14.54 26.83
C GLY B 196 -8.26 -13.29 25.98
N ASP B 197 -7.41 -13.35 24.94
CA ASP B 197 -7.20 -12.21 24.03
C ASP B 197 -8.32 -11.83 23.09
N VAL B 198 -9.02 -10.76 23.42
CA VAL B 198 -10.12 -10.28 22.60
C VAL B 198 -9.60 -9.73 21.28
N MET B 199 -10.05 -10.30 20.16
CA MET B 199 -9.43 -10.02 18.87
C MET B 199 -10.27 -9.17 17.95
N SER B 200 -11.59 -9.10 18.13
CA SER B 200 -12.43 -8.35 17.22
C SER B 200 -13.74 -8.00 17.92
N LEU B 201 -14.51 -7.11 17.28
CA LEU B 201 -15.67 -6.48 17.90
C LEU B 201 -16.44 -5.75 16.81
N SER B 202 -17.77 -5.92 16.81
CA SER B 202 -18.62 -5.35 15.77
C SER B 202 -19.83 -4.68 16.40
N LEU B 203 -20.35 -3.66 15.72
CA LEU B 203 -21.48 -2.87 16.21
C LEU B 203 -22.72 -3.14 15.38
N ALA B 204 -23.85 -3.35 16.06
CA ALA B 204 -25.09 -3.61 15.37
C ALA B 204 -25.61 -2.33 14.71
N PRO B 205 -26.44 -2.46 13.67
CA PRO B 205 -27.03 -1.25 13.06
C PRO B 205 -27.82 -0.39 14.02
N ASP B 206 -28.52 -0.99 14.98
CA ASP B 206 -29.28 -0.21 15.94
C ASP B 206 -28.39 0.46 16.98
N THR B 207 -27.11 0.12 17.03
CA THR B 207 -26.14 0.68 17.99
C THR B 207 -26.66 0.57 19.43
N ARG B 208 -27.26 -0.57 19.76
CA ARG B 208 -27.67 -0.87 21.11
C ARG B 208 -26.97 -2.09 21.70
N LEU B 209 -26.54 -3.02 20.87
CA LEU B 209 -25.77 -4.19 21.29
C LEU B 209 -24.57 -4.33 20.39
N PHE B 210 -23.43 -4.71 20.97
CA PHE B 210 -22.23 -4.97 20.19
C PHE B 210 -21.64 -6.30 20.62
N VAL B 211 -21.24 -7.11 19.64
CA VAL B 211 -20.77 -8.47 19.85
C VAL B 211 -19.27 -8.49 19.58
N SER B 212 -18.52 -9.08 20.51
CA SER B 212 -17.07 -9.15 20.41
C SER B 212 -16.61 -10.59 20.60
N GLY B 213 -15.64 -11.00 19.79
CA GLY B 213 -15.06 -12.34 19.86
C GLY B 213 -13.66 -12.28 20.44
N ALA B 214 -13.25 -13.36 21.09
CA ALA B 214 -11.98 -13.42 21.78
C ALA B 214 -11.23 -14.69 21.43
N CYS B 215 -9.98 -14.77 21.91
CA CYS B 215 -9.15 -15.94 21.68
C CYS B 215 -9.59 -17.14 22.50
N ASP B 216 -10.53 -16.97 23.43
CA ASP B 216 -11.04 -18.08 24.21
C ASP B 216 -12.00 -18.96 23.42
N ALA B 217 -12.07 -18.78 22.09
CA ALA B 217 -12.96 -19.53 21.22
C ALA B 217 -14.42 -19.29 21.60
N SER B 218 -14.72 -18.10 22.12
CA SER B 218 -16.08 -17.77 22.51
C SER B 218 -16.34 -16.29 22.21
N ALA B 219 -17.57 -16.01 21.82
CA ALA B 219 -18.01 -14.65 21.49
C ALA B 219 -19.15 -14.26 22.41
N LYS B 220 -19.15 -13.01 22.84
CA LYS B 220 -20.13 -12.51 23.81
C LYS B 220 -20.68 -11.17 23.35
N LEU B 221 -22.00 -11.03 23.41
CA LEU B 221 -22.64 -9.75 23.19
C LEU B 221 -22.44 -8.86 24.41
N TRP B 222 -22.79 -7.58 24.27
CA TRP B 222 -22.77 -6.69 25.41
C TRP B 222 -23.81 -5.60 25.23
N ASP B 223 -24.25 -5.02 26.35
CA ASP B 223 -25.12 -3.86 26.33
C ASP B 223 -24.27 -2.60 26.49
N VAL B 224 -24.45 -1.65 25.57
CA VAL B 224 -23.61 -0.46 25.58
C VAL B 224 -23.92 0.40 26.80
N ARG B 225 -25.21 0.52 27.16
CA ARG B 225 -25.59 1.41 28.24
C ARG B 225 -25.14 0.89 29.60
N GLU B 226 -25.37 -0.40 29.86
CA GLU B 226 -25.13 -0.95 31.20
C GLU B 226 -23.69 -1.39 31.38
N GLY B 227 -23.23 -2.34 30.57
CA GLY B 227 -21.88 -2.85 30.70
C GLY B 227 -21.83 -4.32 31.09
N MET B 228 -22.92 -5.03 30.88
CA MET B 228 -23.03 -6.44 31.21
C MET B 228 -23.21 -7.24 29.92
N CYS B 229 -22.50 -8.36 29.83
CA CYS B 229 -22.63 -9.23 28.66
C CYS B 229 -24.03 -9.83 28.61
N ARG B 230 -24.69 -9.68 27.46
CA ARG B 230 -26.04 -10.21 27.32
C ARG B 230 -26.05 -11.73 27.34
N GLN B 231 -25.23 -12.33 26.48
CA GLN B 231 -25.10 -13.79 26.44
C GLN B 231 -23.85 -14.23 25.70
N THR B 232 -23.45 -15.48 25.88
CA THR B 232 -22.23 -16.00 25.29
C THR B 232 -22.55 -17.09 24.26
N PHE B 233 -21.57 -17.34 23.40
CA PHE B 233 -21.66 -18.38 22.38
C PHE B 233 -20.31 -19.09 22.30
N THR B 234 -20.35 -20.40 22.09
CA THR B 234 -19.15 -21.21 21.97
C THR B 234 -19.31 -22.20 20.83
N GLY B 235 -18.24 -22.95 20.54
CA GLY B 235 -18.28 -23.94 19.49
C GLY B 235 -17.02 -23.99 18.66
N HIS B 236 -16.25 -22.90 18.66
CA HIS B 236 -15.02 -22.86 17.89
C HIS B 236 -13.92 -23.67 18.56
N GLU B 237 -13.11 -24.34 17.75
CA GLU B 237 -12.02 -25.16 18.25
C GLU B 237 -10.72 -24.39 18.46
N SER B 238 -10.66 -23.12 18.05
CA SER B 238 -9.45 -22.33 18.23
C SER B 238 -9.86 -20.87 18.40
N ASP B 239 -8.88 -19.98 18.32
CA ASP B 239 -9.03 -18.59 18.70
C ASP B 239 -9.64 -17.75 17.57
N ILE B 240 -10.60 -16.89 17.93
CA ILE B 240 -11.26 -16.02 16.97
C ILE B 240 -10.36 -14.85 16.63
N ASN B 241 -10.40 -14.43 15.36
CA ASN B 241 -9.61 -13.30 14.89
C ASN B 241 -10.41 -12.32 14.05
N ALA B 242 -11.69 -12.61 13.79
CA ALA B 242 -12.51 -11.74 12.95
C ALA B 242 -13.97 -11.99 13.26
N ILE B 243 -14.69 -10.92 13.61
CA ILE B 243 -16.12 -11.01 13.88
C ILE B 243 -16.77 -9.84 13.17
N CYS B 244 -18.04 -10.02 12.77
CA CYS B 244 -18.77 -8.96 12.10
C CYS B 244 -20.26 -9.17 12.32
N PHE B 245 -21.00 -8.07 12.40
CA PHE B 245 -22.44 -8.14 12.59
C PHE B 245 -23.17 -8.35 11.28
N PHE B 246 -24.23 -9.16 11.34
CA PHE B 246 -25.15 -9.28 10.24
C PHE B 246 -25.83 -7.94 9.98
N PRO B 247 -26.14 -7.61 8.73
CA PRO B 247 -26.89 -6.36 8.48
C PRO B 247 -28.23 -6.32 9.19
N ASN B 248 -28.82 -7.48 9.47
CA ASN B 248 -30.05 -7.53 10.24
C ASN B 248 -29.82 -6.98 11.65
N GLY B 249 -28.68 -7.31 12.25
CA GLY B 249 -28.33 -6.82 13.57
C GLY B 249 -28.50 -7.83 14.69
N ASN B 250 -29.16 -8.95 14.43
CA ASN B 250 -29.37 -9.99 15.43
C ASN B 250 -28.63 -11.27 15.08
N ALA B 251 -27.49 -11.14 14.41
CA ALA B 251 -26.68 -12.29 14.04
C ALA B 251 -25.25 -11.82 13.81
N PHE B 252 -24.34 -12.77 13.69
CA PHE B 252 -22.93 -12.48 13.49
C PHE B 252 -22.19 -13.77 13.15
N ALA B 253 -21.11 -13.62 12.39
CA ALA B 253 -20.24 -14.73 12.04
C ALA B 253 -18.81 -14.43 12.49
N THR B 254 -18.12 -15.45 12.95
CA THR B 254 -16.78 -15.31 13.49
C THR B 254 -15.78 -16.09 12.65
N GLY B 255 -14.63 -15.48 12.40
CA GLY B 255 -13.56 -16.15 11.69
C GLY B 255 -12.37 -16.44 12.57
N SER B 256 -12.15 -17.71 12.89
CA SER B 256 -11.11 -18.13 13.81
C SER B 256 -9.94 -18.73 13.04
N ASP B 257 -8.88 -19.06 13.79
CA ASP B 257 -7.69 -19.66 13.19
C ASP B 257 -7.84 -21.14 12.90
N ASP B 258 -8.94 -21.77 13.32
CA ASP B 258 -9.17 -23.18 13.06
C ASP B 258 -9.72 -23.44 11.66
N ALA B 259 -9.60 -22.47 10.75
CA ALA B 259 -9.96 -22.63 9.35
C ALA B 259 -11.45 -22.93 9.18
N THR B 260 -12.28 -22.21 9.92
CA THR B 260 -13.72 -22.32 9.75
C THR B 260 -14.37 -21.01 10.13
N CYS B 261 -15.58 -20.80 9.62
CA CYS B 261 -16.40 -19.64 9.94
C CYS B 261 -17.72 -20.13 10.51
N ARG B 262 -18.10 -19.62 11.67
CA ARG B 262 -19.30 -20.05 12.37
C ARG B 262 -20.28 -18.88 12.48
N LEU B 263 -21.54 -19.13 12.17
CA LEU B 263 -22.60 -18.14 12.26
C LEU B 263 -23.44 -18.39 13.50
N PHE B 264 -23.56 -17.38 14.35
CA PHE B 264 -24.32 -17.49 15.58
C PHE B 264 -25.39 -16.40 15.61
N ASP B 265 -26.64 -16.80 15.87
CA ASP B 265 -27.72 -15.86 16.07
C ASP B 265 -27.56 -15.19 17.43
N LEU B 266 -28.04 -13.94 17.54
CA LEU B 266 -27.91 -13.21 18.80
C LEU B 266 -28.69 -13.88 19.92
N ARG B 267 -29.91 -14.34 19.63
CA ARG B 267 -30.75 -14.96 20.65
C ARG B 267 -30.39 -16.42 20.86
N ALA B 268 -30.55 -17.25 19.83
CA ALA B 268 -30.22 -18.66 19.93
C ALA B 268 -28.71 -18.86 20.04
N ASP B 269 -28.29 -19.81 20.87
CA ASP B 269 -26.87 -20.08 21.10
C ASP B 269 -26.32 -21.13 20.13
N GLN B 270 -27.15 -21.64 19.22
CA GLN B 270 -26.74 -22.65 18.28
C GLN B 270 -25.99 -22.03 17.10
N GLU B 271 -25.33 -22.89 16.32
CA GLU B 271 -24.59 -22.46 15.15
C GLU B 271 -25.40 -22.75 13.90
N LEU B 272 -25.60 -21.72 13.08
CA LEU B 272 -26.36 -21.89 11.84
C LEU B 272 -25.58 -22.74 10.85
N MET B 273 -24.31 -22.41 10.62
CA MET B 273 -23.49 -23.16 9.68
C MET B 273 -22.02 -22.91 9.99
N THR B 274 -21.21 -23.92 9.70
CA THR B 274 -19.75 -23.85 9.87
C THR B 274 -19.13 -23.86 8.47
N TYR B 275 -18.75 -22.68 8.00
CA TYR B 275 -18.19 -22.54 6.65
C TYR B 275 -16.72 -22.95 6.66
N SER B 276 -16.42 -24.11 6.07
CA SER B 276 -15.05 -24.60 5.99
C SER B 276 -14.97 -25.60 4.85
N HIS B 277 -13.73 -25.83 4.40
CA HIS B 277 -13.46 -26.83 3.37
C HIS B 277 -12.18 -27.57 3.74
N ASP B 278 -12.07 -28.81 3.25
CA ASP B 278 -10.92 -29.64 3.57
C ASP B 278 -9.64 -29.04 3.00
N ASN B 279 -9.70 -28.44 1.82
CA ASN B 279 -8.48 -27.93 1.18
C ASN B 279 -7.86 -26.75 1.92
N ILE B 280 -8.64 -26.11 2.78
CA ILE B 280 -8.13 -24.95 3.52
C ILE B 280 -7.65 -25.43 4.89
N ILE B 281 -6.36 -25.28 5.13
CA ILE B 281 -5.76 -25.59 6.42
C ILE B 281 -5.30 -24.31 7.12
N CYS B 282 -5.82 -23.16 6.70
CA CYS B 282 -5.46 -21.87 7.25
C CYS B 282 -6.71 -21.14 7.71
N GLY B 283 -6.57 -20.36 8.78
CA GLY B 283 -7.70 -19.70 9.39
C GLY B 283 -8.14 -18.45 8.63
N ILE B 284 -9.23 -17.87 9.13
CA ILE B 284 -9.81 -16.66 8.56
C ILE B 284 -9.26 -15.45 9.30
N THR B 285 -8.82 -14.45 8.55
CA THR B 285 -8.25 -13.26 9.15
C THR B 285 -9.26 -12.12 9.28
N SER B 286 -10.14 -11.97 8.30
CA SER B 286 -11.14 -10.90 8.34
C SER B 286 -12.47 -11.43 7.83
N VAL B 287 -13.55 -10.80 8.29
CA VAL B 287 -14.90 -11.16 7.89
C VAL B 287 -15.71 -9.88 7.72
N SER B 288 -16.46 -9.80 6.63
CA SER B 288 -17.42 -8.73 6.40
C SER B 288 -18.67 -9.32 5.79
N PHE B 289 -19.68 -8.47 5.60
CA PHE B 289 -20.97 -8.91 5.11
C PHE B 289 -21.47 -7.97 4.02
N SER B 290 -22.27 -8.52 3.11
CA SER B 290 -22.92 -7.73 2.08
C SER B 290 -24.27 -7.23 2.59
N LYS B 291 -24.78 -6.18 1.96
CA LYS B 291 -26.02 -5.56 2.39
C LYS B 291 -27.21 -6.49 2.29
N SER B 292 -27.11 -7.57 1.52
CA SER B 292 -28.23 -8.50 1.37
C SER B 292 -28.33 -9.51 2.50
N GLY B 293 -27.31 -9.60 3.36
CA GLY B 293 -27.25 -10.71 4.29
C GLY B 293 -27.12 -12.05 3.61
N ARG B 294 -26.45 -12.09 2.46
CA ARG B 294 -26.30 -13.31 1.67
C ARG B 294 -24.87 -13.57 1.22
N LEU B 295 -23.98 -12.61 1.27
CA LEU B 295 -22.63 -12.77 0.74
C LEU B 295 -21.64 -12.52 1.88
N LEU B 296 -21.23 -13.59 2.54
CA LEU B 296 -20.23 -13.54 3.60
C LEU B 296 -18.85 -13.66 2.95
N LEU B 297 -18.09 -12.57 2.99
CA LEU B 297 -16.75 -12.55 2.42
C LEU B 297 -15.73 -12.64 3.55
N ALA B 298 -14.85 -13.62 3.47
CA ALA B 298 -13.88 -13.90 4.53
C ALA B 298 -12.48 -13.88 3.95
N GLY B 299 -11.59 -13.12 4.59
CA GLY B 299 -10.22 -13.03 4.12
C GLY B 299 -9.32 -14.09 4.74
N TYR B 300 -9.09 -15.17 4.00
CA TYR B 300 -8.39 -16.33 4.51
C TYR B 300 -6.88 -16.08 4.55
N ASP B 301 -6.13 -17.01 5.12
CA ASP B 301 -4.68 -16.92 5.15
C ASP B 301 -4.01 -17.52 3.92
N ASP B 302 -4.75 -18.26 3.09
CA ASP B 302 -4.15 -18.91 1.94
C ASP B 302 -4.14 -17.91 0.78
N PHE B 303 -3.48 -16.78 1.00
CA PHE B 303 -3.11 -15.81 -0.03
C PHE B 303 -4.24 -15.42 -0.97
N ASN B 304 -5.51 -15.58 -0.58
CA ASN B 304 -6.59 -15.13 -1.44
C ASN B 304 -7.87 -15.09 -0.60
N CYS B 305 -8.71 -14.10 -0.90
CA CYS B 305 -9.97 -13.96 -0.19
C CYS B 305 -10.94 -15.04 -0.64
N ASN B 306 -12.08 -15.12 0.03
CA ASN B 306 -13.07 -16.11 -0.31
C ASN B 306 -14.46 -15.52 -0.06
N VAL B 307 -15.44 -16.04 -0.79
CA VAL B 307 -16.80 -15.54 -0.75
C VAL B 307 -17.71 -16.70 -0.39
N TRP B 308 -18.37 -16.60 0.76
CA TRP B 308 -19.23 -17.66 1.27
C TRP B 308 -20.66 -17.16 1.32
N ASP B 309 -21.59 -17.96 0.79
CA ASP B 309 -23.00 -17.66 0.97
C ASP B 309 -23.44 -18.07 2.38
N ALA B 310 -24.46 -17.39 2.89
CA ALA B 310 -24.89 -17.66 4.27
C ALA B 310 -25.97 -18.72 4.34
N LEU B 311 -26.57 -19.09 3.20
CA LEU B 311 -27.68 -20.05 3.20
C LEU B 311 -27.19 -21.47 2.96
N LYS B 312 -26.55 -21.72 1.82
CA LYS B 312 -26.11 -23.06 1.48
C LYS B 312 -24.81 -23.46 2.17
N ALA B 313 -24.14 -22.52 2.82
CA ALA B 313 -22.86 -22.77 3.50
C ALA B 313 -21.84 -23.38 2.54
N ASP B 314 -21.82 -22.88 1.30
CA ASP B 314 -20.94 -23.37 0.27
C ASP B 314 -20.09 -22.23 -0.27
N ARG B 315 -18.92 -22.58 -0.79
CA ARG B 315 -18.02 -21.59 -1.36
C ARG B 315 -18.55 -21.11 -2.70
N ALA B 316 -19.34 -20.04 -2.69
CA ALA B 316 -20.00 -19.54 -3.87
C ALA B 316 -19.17 -18.50 -4.62
N GLY B 317 -17.93 -18.27 -4.20
CA GLY B 317 -17.09 -17.32 -4.89
C GLY B 317 -15.68 -17.24 -4.34
N VAL B 318 -14.72 -16.92 -5.20
CA VAL B 318 -13.32 -16.77 -4.81
C VAL B 318 -12.91 -15.40 -5.36
N LEU B 319 -11.95 -14.77 -4.70
CA LEU B 319 -11.37 -13.50 -5.16
C LEU B 319 -9.86 -13.70 -5.16
N ALA B 320 -9.38 -14.43 -6.15
CA ALA B 320 -7.97 -14.81 -6.22
C ALA B 320 -7.15 -13.77 -6.96
N GLY B 321 -7.11 -12.55 -6.43
CA GLY B 321 -6.34 -11.49 -7.02
C GLY B 321 -5.24 -10.96 -6.13
N HIS B 322 -4.92 -11.64 -5.03
CA HIS B 322 -3.98 -11.12 -4.04
C HIS B 322 -2.73 -11.97 -4.02
N ASP B 323 -1.56 -11.31 -4.02
CA ASP B 323 -0.28 -12.03 -4.02
C ASP B 323 0.01 -12.63 -2.65
N ASN B 324 -0.24 -11.88 -1.58
CA ASN B 324 0.01 -12.34 -0.23
C ASN B 324 -1.31 -12.50 0.51
N ARG B 325 -1.26 -12.96 1.76
CA ARG B 325 -2.45 -13.19 2.58
C ARG B 325 -3.43 -12.03 2.71
N VAL B 326 -4.68 -12.26 2.34
CA VAL B 326 -5.72 -11.24 2.45
C VAL B 326 -6.09 -11.06 3.91
N SER B 327 -5.97 -9.83 4.40
CA SER B 327 -6.08 -9.57 5.83
C SER B 327 -7.31 -8.77 6.24
N CYS B 328 -7.95 -8.07 5.32
CA CYS B 328 -9.11 -7.26 5.68
C CYS B 328 -9.98 -7.07 4.45
N LEU B 329 -11.28 -6.94 4.69
CA LEU B 329 -12.21 -6.63 3.61
C LEU B 329 -13.50 -6.09 4.20
N GLY B 330 -14.16 -5.25 3.42
CA GLY B 330 -15.43 -4.67 3.84
C GLY B 330 -16.29 -4.33 2.64
N VAL B 331 -17.59 -4.41 2.83
CA VAL B 331 -18.57 -4.16 1.77
C VAL B 331 -19.22 -2.82 2.04
N THR B 332 -19.55 -2.10 0.96
CA THR B 332 -20.12 -0.77 1.07
C THR B 332 -21.48 -0.81 1.78
N ASP B 333 -21.98 0.39 2.11
CA ASP B 333 -23.28 0.49 2.75
C ASP B 333 -24.41 0.09 1.82
N ASP B 334 -24.25 0.31 0.51
CA ASP B 334 -25.26 -0.07 -0.47
C ASP B 334 -24.91 -1.35 -1.21
N GLY B 335 -23.86 -2.06 -0.81
CA GLY B 335 -23.44 -3.25 -1.52
C GLY B 335 -22.76 -2.98 -2.83
N MET B 336 -22.31 -1.74 -3.07
CA MET B 336 -21.75 -1.39 -4.37
C MET B 336 -20.44 -2.13 -4.63
N ALA B 337 -19.54 -2.17 -3.66
CA ALA B 337 -18.20 -2.67 -3.89
C ALA B 337 -17.73 -3.46 -2.68
N VAL B 338 -16.48 -3.93 -2.75
CA VAL B 338 -15.79 -4.55 -1.63
C VAL B 338 -14.29 -4.32 -1.79
N ALA B 339 -13.65 -3.77 -0.77
CA ALA B 339 -12.24 -3.39 -0.84
C ALA B 339 -11.46 -4.35 0.05
N THR B 340 -11.02 -5.46 -0.53
CA THR B 340 -10.24 -6.46 0.19
C THR B 340 -8.77 -6.05 0.20
N GLY B 341 -8.31 -5.57 1.34
CA GLY B 341 -6.89 -5.36 1.53
C GLY B 341 -6.17 -6.67 1.82
N SER B 342 -4.85 -6.63 1.74
CA SER B 342 -4.07 -7.85 1.90
C SER B 342 -2.65 -7.49 2.30
N TRP B 343 -1.90 -8.52 2.68
CA TRP B 343 -0.50 -8.33 3.05
C TRP B 343 0.38 -7.98 1.86
N ASP B 344 -0.15 -8.06 0.65
CA ASP B 344 0.58 -7.66 -0.55
C ASP B 344 0.43 -6.17 -0.85
N SER B 345 -0.23 -5.43 0.04
CA SER B 345 -0.29 -3.96 0.01
C SER B 345 -1.19 -3.41 -1.09
N PHE B 346 -2.12 -4.22 -1.60
CA PHE B 346 -3.03 -3.77 -2.65
C PHE B 346 -4.46 -3.87 -2.16
N LEU B 347 -5.21 -2.79 -2.31
CA LEU B 347 -6.64 -2.79 -2.05
C LEU B 347 -7.38 -3.01 -3.36
N LYS B 348 -7.91 -4.22 -3.53
CA LYS B 348 -8.65 -4.56 -4.74
C LYS B 348 -10.13 -4.29 -4.50
N ILE B 349 -10.69 -3.35 -5.25
CA ILE B 349 -12.09 -2.99 -5.13
C ILE B 349 -12.86 -3.78 -6.18
N TRP B 350 -13.65 -4.75 -5.72
CA TRP B 350 -14.35 -5.67 -6.61
C TRP B 350 -15.81 -5.25 -6.79
N ASN B 351 -16.30 -5.40 -8.01
CA ASN B 351 -17.71 -5.23 -8.30
C ASN B 351 -18.13 -6.23 -9.37
N GLY B 352 -19.24 -6.92 -9.12
CA GLY B 352 -19.74 -7.87 -10.08
C GLY B 352 -20.22 -7.20 -11.35
N SER B 353 -19.95 -7.86 -12.48
CA SER B 353 -20.32 -7.34 -13.80
C SER B 353 -21.06 -8.40 -14.58
N SER B 354 -22.05 -7.98 -15.36
CA SER B 354 -22.82 -8.89 -16.18
C SER B 354 -23.53 -8.13 -17.31
N LYS C 14 -19.99 -17.29 41.91
CA LYS C 14 -20.73 -16.04 41.97
C LYS C 14 -20.58 -15.26 40.66
N LEU C 15 -19.33 -14.91 40.33
CA LEU C 15 -19.07 -14.14 39.12
C LEU C 15 -19.52 -14.88 37.87
N VAL C 16 -19.29 -16.19 37.81
CA VAL C 16 -19.79 -17.01 36.71
C VAL C 16 -21.19 -17.55 36.96
N GLU C 17 -21.58 -17.70 38.23
CA GLU C 17 -22.93 -18.18 38.54
C GLU C 17 -23.99 -17.19 38.08
N GLN C 18 -23.72 -15.89 38.25
CA GLN C 18 -24.66 -14.85 37.85
C GLN C 18 -24.59 -14.50 36.37
N LEU C 19 -23.66 -15.11 35.63
CA LEU C 19 -23.48 -14.79 34.21
C LEU C 19 -23.61 -16.01 33.29
N LYS C 20 -23.74 -17.22 33.83
CA LYS C 20 -23.82 -18.41 33.00
C LYS C 20 -25.20 -18.62 32.36
N MET C 21 -26.19 -17.81 32.72
CA MET C 21 -27.52 -17.97 32.13
C MET C 21 -28.21 -16.62 32.08
N GLU C 22 -28.14 -15.96 30.92
CA GLU C 22 -28.81 -14.68 30.72
C GLU C 22 -29.47 -14.61 29.36
N ALA C 23 -30.13 -15.69 28.94
CA ALA C 23 -30.75 -15.73 27.63
C ALA C 23 -32.21 -16.17 27.65
N ASN C 24 -32.90 -15.89 28.76
CA ASN C 24 -34.31 -16.27 28.90
C ASN C 24 -35.36 -15.30 28.35
N ILE C 25 -35.31 -15.11 27.03
CA ILE C 25 -36.30 -14.26 26.37
C ILE C 25 -37.33 -15.07 25.60
N ASP C 26 -36.88 -15.77 24.56
CA ASP C 26 -37.80 -16.59 23.75
C ASP C 26 -36.97 -17.66 23.05
N ARG C 27 -37.06 -18.89 23.54
CA ARG C 27 -36.42 -20.02 22.88
C ARG C 27 -37.25 -20.48 21.70
N ILE C 28 -36.71 -20.29 20.50
CA ILE C 28 -37.42 -20.60 19.26
C ILE C 28 -36.57 -21.51 18.39
N LYS C 29 -37.25 -22.20 17.47
CA LYS C 29 -36.57 -23.14 16.59
C LYS C 29 -36.02 -22.42 15.36
N VAL C 30 -34.80 -22.78 14.96
CA VAL C 30 -34.19 -22.19 13.78
C VAL C 30 -34.96 -22.58 12.52
N SER C 31 -35.50 -23.81 12.51
CA SER C 31 -36.30 -24.24 11.37
C SER C 31 -37.54 -23.37 11.19
N LYS C 32 -38.19 -22.99 12.29
CA LYS C 32 -39.33 -22.09 12.23
C LYS C 32 -38.91 -20.64 12.00
N ALA C 33 -37.69 -20.28 12.40
CA ALA C 33 -37.22 -18.90 12.28
C ALA C 33 -36.45 -18.65 10.98
N ALA C 34 -36.41 -19.62 10.06
CA ALA C 34 -35.72 -19.46 8.79
C ALA C 34 -36.48 -18.46 7.91
N ALA C 35 -37.66 -18.04 8.37
CA ALA C 35 -38.39 -16.97 7.69
C ALA C 35 -37.58 -15.69 7.61
N ASP C 36 -36.62 -15.48 8.52
CA ASP C 36 -35.76 -14.30 8.43
C ASP C 36 -35.06 -14.24 7.08
N LEU C 37 -34.30 -15.26 6.73
CA LEU C 37 -33.65 -15.33 5.43
C LEU C 37 -34.65 -15.50 4.29
N MET C 38 -35.74 -16.22 4.52
CA MET C 38 -36.74 -16.41 3.46
C MET C 38 -37.30 -15.07 2.99
N ALA C 39 -37.54 -14.15 3.93
CA ALA C 39 -38.03 -12.82 3.58
C ALA C 39 -36.91 -11.87 3.24
N TYR C 40 -35.69 -12.12 3.75
CA TYR C 40 -34.55 -11.28 3.38
C TYR C 40 -34.16 -11.50 1.94
N CYS C 41 -34.50 -12.66 1.37
CA CYS C 41 -34.29 -12.88 -0.06
C CYS C 41 -34.98 -11.83 -0.89
N GLU C 42 -36.10 -11.28 -0.40
CA GLU C 42 -36.81 -10.20 -1.08
C GLU C 42 -36.55 -8.84 -0.46
N ALA C 43 -36.14 -8.79 0.82
CA ALA C 43 -35.88 -7.51 1.46
C ALA C 43 -34.73 -6.78 0.78
N HIS C 44 -33.69 -7.51 0.41
CA HIS C 44 -32.57 -6.98 -0.37
C HIS C 44 -32.39 -7.90 -1.56
N ALA C 45 -33.14 -7.62 -2.63
CA ALA C 45 -33.10 -8.44 -3.84
C ALA C 45 -32.34 -7.74 -4.94
N LYS C 46 -32.70 -6.49 -5.24
CA LYS C 46 -32.04 -5.76 -6.31
C LYS C 46 -31.12 -4.66 -5.79
N GLU C 47 -31.24 -4.29 -4.52
CA GLU C 47 -30.43 -3.23 -3.95
C GLU C 47 -28.95 -3.60 -3.95
N ASP C 48 -28.66 -4.88 -3.75
CA ASP C 48 -27.29 -5.37 -3.72
C ASP C 48 -26.89 -5.86 -5.11
N PRO C 49 -25.90 -5.24 -5.76
CA PRO C 49 -25.53 -5.67 -7.11
C PRO C 49 -24.94 -7.06 -7.18
N LEU C 50 -24.43 -7.60 -6.07
CA LEU C 50 -23.71 -8.87 -6.13
C LEU C 50 -24.63 -10.03 -6.47
N LEU C 51 -25.76 -10.14 -5.78
CA LEU C 51 -26.70 -11.22 -6.08
C LEU C 51 -27.40 -11.00 -7.40
N THR C 52 -27.92 -9.80 -7.62
CA THR C 52 -28.67 -9.49 -8.83
C THR C 52 -27.79 -8.69 -9.78
N PRO C 53 -27.47 -9.22 -10.97
CA PRO C 53 -26.64 -8.47 -11.92
C PRO C 53 -27.13 -7.05 -12.17
N VAL C 54 -26.34 -6.07 -11.76
CA VAL C 54 -26.69 -4.66 -11.90
C VAL C 54 -26.38 -4.21 -13.33
N PRO C 55 -27.17 -3.32 -13.92
CA PRO C 55 -26.78 -2.74 -15.21
C PRO C 55 -25.51 -1.91 -15.07
N ALA C 56 -24.72 -1.89 -16.15
CA ALA C 56 -23.45 -1.17 -16.14
C ALA C 56 -23.62 0.34 -16.07
N SER C 57 -24.79 0.87 -16.42
CA SER C 57 -25.00 2.31 -16.33
C SER C 57 -24.95 2.78 -14.87
N GLU C 58 -25.55 2.03 -13.96
CA GLU C 58 -25.51 2.38 -12.55
C GLU C 58 -24.20 2.00 -11.88
N ASN C 59 -23.35 1.24 -12.57
CA ASN C 59 -22.08 0.83 -12.00
C ASN C 59 -21.16 2.04 -11.86
N PRO C 60 -20.68 2.37 -10.65
CA PRO C 60 -19.76 3.48 -10.47
C PRO C 60 -18.31 3.15 -10.72
N PHE C 61 -17.98 1.91 -11.03
CA PHE C 61 -16.61 1.45 -11.20
C PHE C 61 -16.35 0.97 -12.63
N ARG C 62 -16.87 1.71 -13.61
CA ARG C 62 -16.68 1.37 -15.02
C ARG C 62 -15.27 1.78 -15.42
N GLU C 63 -14.34 0.84 -15.33
CA GLU C 63 -12.94 1.11 -15.67
C GLU C 63 -12.73 1.11 -17.18
N ALA D 38 -9.66 31.03 12.89
CA ALA D 38 -8.41 31.76 13.07
C ALA D 38 -7.96 32.05 11.63
N VAL D 39 -8.61 31.39 10.68
CA VAL D 39 -8.29 31.57 9.26
C VAL D 39 -8.33 33.06 8.92
N GLN D 40 -7.26 33.54 8.30
CA GLN D 40 -7.05 34.97 8.10
C GLN D 40 -6.30 35.17 6.78
N LEU D 41 -7.03 35.57 5.75
CA LEU D 41 -6.44 35.90 4.45
C LEU D 41 -6.46 37.41 4.33
N VAL D 42 -5.28 38.04 4.43
CA VAL D 42 -5.13 39.48 4.32
C VAL D 42 -4.31 39.79 3.08
N GLU D 43 -4.76 40.79 2.31
CA GLU D 43 -4.08 41.18 1.09
C GLU D 43 -3.29 42.46 1.32
N SER D 44 -2.26 42.65 0.50
CA SER D 44 -1.43 43.84 0.59
C SER D 44 -0.85 44.13 -0.79
N GLY D 45 -0.31 45.34 -0.94
CA GLY D 45 0.30 45.75 -2.19
C GLY D 45 -0.70 46.35 -3.17
N GLY D 46 -1.61 47.17 -2.65
CA GLY D 46 -2.59 47.83 -3.49
C GLY D 46 -2.74 49.29 -3.12
N GLY D 47 -3.34 50.02 -4.05
CA GLY D 47 -3.55 51.44 -3.86
C GLY D 47 -3.29 52.12 -5.18
N LEU D 48 -2.92 53.39 -5.14
CA LEU D 48 -2.60 54.16 -6.33
C LEU D 48 -1.21 53.97 -6.92
N VAL D 49 -1.16 53.70 -8.23
CA VAL D 49 0.08 53.49 -8.95
C VAL D 49 0.00 54.25 -10.27
N GLN D 50 1.10 54.90 -10.65
CA GLN D 50 1.13 55.67 -11.87
C GLN D 50 0.85 54.77 -13.08
N PRO D 51 0.16 55.30 -14.10
CA PRO D 51 -0.19 54.46 -15.25
C PRO D 51 1.03 53.87 -15.93
N GLY D 52 0.87 52.65 -16.44
CA GLY D 52 1.95 51.95 -17.09
C GLY D 52 2.91 51.24 -16.16
N GLY D 53 2.64 51.24 -14.86
CA GLY D 53 3.51 50.60 -13.89
C GLY D 53 3.13 49.15 -13.62
N SER D 54 3.81 48.58 -12.63
CA SER D 54 3.59 47.20 -12.23
C SER D 54 3.50 47.12 -10.71
N ARG D 55 2.78 46.11 -10.22
CA ARG D 55 2.60 45.92 -8.79
C ARG D 55 2.47 44.44 -8.49
N LYS D 56 2.80 44.07 -7.26
CA LYS D 56 2.71 42.69 -6.78
C LYS D 56 1.63 42.62 -5.71
N LEU D 57 0.70 41.67 -5.87
CA LEU D 57 -0.39 41.48 -4.94
C LEU D 57 -0.07 40.30 -4.03
N SER D 58 0.17 40.58 -2.75
CA SER D 58 0.56 39.57 -1.78
C SER D 58 -0.64 39.21 -0.91
N CYS D 59 -0.98 37.93 -0.86
CA CYS D 59 -2.04 37.41 -0.01
C CYS D 59 -1.40 36.61 1.12
N SER D 60 -1.53 37.12 2.34
CA SER D 60 -0.94 36.46 3.50
C SER D 60 -1.95 35.51 4.12
N ALA D 61 -1.55 34.26 4.31
CA ALA D 61 -2.43 33.20 4.79
C ALA D 61 -1.99 32.76 6.17
N SER D 62 -2.97 32.57 7.06
CA SER D 62 -2.71 32.07 8.41
C SER D 62 -3.94 31.34 8.90
N GLY D 63 -3.74 30.46 9.88
CA GLY D 63 -4.83 29.72 10.47
C GLY D 63 -5.28 28.49 9.71
N PHE D 64 -4.61 28.15 8.60
CA PHE D 64 -4.97 26.97 7.83
C PHE D 64 -3.77 26.54 7.00
N ALA D 65 -3.81 25.29 6.55
CA ALA D 65 -2.71 24.70 5.78
C ALA D 65 -2.89 25.06 4.32
N PHE D 66 -2.29 26.20 3.92
CA PHE D 66 -2.40 26.65 2.54
C PHE D 66 -1.66 25.71 1.59
N SER D 67 -0.74 24.90 2.09
CA SER D 67 0.00 23.99 1.21
C SER D 67 -0.92 22.95 0.59
N SER D 68 -2.04 22.64 1.23
CA SER D 68 -3.03 21.71 0.68
C SER D 68 -4.19 22.43 0.03
N PHE D 69 -4.11 23.75 -0.12
CA PHE D 69 -5.20 24.55 -0.64
C PHE D 69 -4.83 25.17 -1.99
N GLY D 70 -5.82 25.25 -2.87
CA GLY D 70 -5.66 25.93 -4.15
C GLY D 70 -6.15 27.36 -4.02
N MET D 71 -5.29 28.29 -4.41
CA MET D 71 -5.54 29.72 -4.22
C MET D 71 -6.03 30.34 -5.51
N HIS D 72 -7.04 31.21 -5.39
CA HIS D 72 -7.57 31.98 -6.51
C HIS D 72 -7.39 33.46 -6.22
N TRP D 73 -7.56 34.27 -7.27
CA TRP D 73 -7.63 35.71 -7.15
C TRP D 73 -8.90 36.17 -7.85
N VAL D 74 -9.72 36.96 -7.17
CA VAL D 74 -10.98 37.45 -7.74
C VAL D 74 -10.98 38.98 -7.67
N ARG D 75 -11.29 39.60 -8.79
CA ARG D 75 -11.44 41.05 -8.88
C ARG D 75 -12.88 41.46 -8.63
N GLN D 76 -13.08 42.77 -8.44
CA GLN D 76 -14.43 43.32 -8.30
C GLN D 76 -14.38 44.79 -8.68
N ALA D 77 -14.92 45.14 -9.84
CA ALA D 77 -14.98 46.53 -10.24
C ALA D 77 -15.96 47.30 -9.36
N PRO D 78 -15.68 48.57 -9.08
CA PRO D 78 -16.61 49.36 -8.26
C PRO D 78 -17.98 49.44 -8.90
N GLU D 79 -19.03 49.30 -8.07
CA GLU D 79 -20.42 49.35 -8.50
C GLU D 79 -20.71 48.31 -9.59
N LYS D 80 -19.95 47.21 -9.60
CA LYS D 80 -20.10 46.17 -10.60
C LYS D 80 -19.85 44.82 -9.94
N GLY D 81 -19.93 43.75 -10.74
CA GLY D 81 -19.74 42.41 -10.25
C GLY D 81 -18.27 42.04 -10.12
N LEU D 82 -18.05 40.80 -9.70
CA LEU D 82 -16.70 40.27 -9.54
C LEU D 82 -16.14 39.78 -10.87
N GLU D 83 -14.87 39.35 -10.83
CA GLU D 83 -14.17 38.91 -12.04
C GLU D 83 -12.92 38.15 -11.62
N TRP D 84 -12.54 37.16 -12.43
CA TRP D 84 -11.39 36.32 -12.11
C TRP D 84 -10.03 36.83 -12.56
N VAL D 85 -9.05 36.83 -11.65
CA VAL D 85 -7.68 37.18 -11.99
C VAL D 85 -6.79 36.01 -12.41
N ALA D 86 -6.70 34.99 -11.54
CA ALA D 86 -5.81 33.86 -11.76
C ALA D 86 -6.14 32.79 -10.74
N TYR D 87 -5.47 31.64 -10.88
CA TYR D 87 -5.64 30.52 -9.96
C TYR D 87 -4.41 29.61 -9.99
N ILE D 88 -4.08 29.04 -8.83
CA ILE D 88 -3.02 28.04 -8.72
C ILE D 88 -3.59 26.82 -7.98
N SER D 89 -3.32 25.63 -8.52
CA SER D 89 -3.78 24.40 -7.89
C SER D 89 -2.87 24.02 -6.73
N SER D 90 -3.29 23.01 -5.98
CA SER D 90 -2.52 22.51 -4.84
C SER D 90 -1.24 21.85 -5.35
N GLY D 91 -0.12 22.52 -5.16
CA GLY D 91 1.15 22.02 -5.65
C GLY D 91 1.65 22.64 -6.92
N SER D 92 1.00 23.69 -7.43
CA SER D 92 1.41 24.46 -8.60
C SER D 92 1.43 23.64 -9.88
N GLY D 93 0.80 22.46 -9.89
CA GLY D 93 0.79 21.64 -11.08
C GLY D 93 -0.26 21.99 -12.10
N THR D 94 -1.15 22.94 -11.78
CA THR D 94 -2.16 23.39 -12.72
C THR D 94 -2.39 24.88 -12.49
N ILE D 95 -2.35 25.66 -13.55
CA ILE D 95 -2.51 27.10 -13.47
C ILE D 95 -3.50 27.54 -14.53
N TYR D 96 -4.09 28.71 -14.31
CA TYR D 96 -5.01 29.32 -15.26
C TYR D 96 -4.91 30.83 -15.13
N TYR D 97 -5.50 31.54 -16.08
CA TYR D 97 -5.42 32.98 -16.08
C TYR D 97 -6.66 33.57 -16.72
N ALA D 98 -6.89 34.85 -16.43
CA ALA D 98 -8.04 35.56 -16.99
C ALA D 98 -7.83 35.81 -18.47
N ASP D 99 -8.92 35.69 -19.24
CA ASP D 99 -8.84 35.93 -20.68
C ASP D 99 -8.40 37.36 -20.98
N THR D 100 -8.85 38.32 -20.18
CA THR D 100 -8.46 39.71 -20.34
C THR D 100 -7.16 40.05 -19.65
N VAL D 101 -6.54 39.10 -18.95
CA VAL D 101 -5.29 39.36 -18.24
C VAL D 101 -4.29 38.26 -18.56
N LYS D 102 -4.57 37.48 -19.59
CA LYS D 102 -3.68 36.38 -19.96
C LYS D 102 -2.30 36.91 -20.32
N GLY D 103 -1.27 36.29 -19.76
CA GLY D 103 0.10 36.71 -20.02
C GLY D 103 0.50 37.93 -19.22
N ARG D 104 -0.39 38.92 -19.16
CA ARG D 104 -0.08 40.15 -18.42
C ARG D 104 0.06 39.89 -16.93
N PHE D 105 -0.82 39.07 -16.37
CA PHE D 105 -0.81 38.78 -14.94
C PHE D 105 -0.21 37.41 -14.69
N THR D 106 0.57 37.29 -13.61
CA THR D 106 1.14 36.02 -13.20
C THR D 106 0.92 35.83 -11.70
N ILE D 107 0.74 34.57 -11.32
CA ILE D 107 0.41 34.21 -9.94
C ILE D 107 1.42 33.16 -9.46
N SER D 108 1.97 33.38 -8.27
CA SER D 108 2.99 32.49 -7.73
C SER D 108 2.78 32.32 -6.24
N ARG D 109 2.75 31.07 -5.78
CA ARG D 109 2.58 30.73 -4.37
C ARG D 109 3.87 30.14 -3.81
N ASP D 110 4.02 30.24 -2.49
CA ASP D 110 5.17 29.67 -1.79
C ASP D 110 4.71 29.14 -0.45
N ASP D 111 4.76 27.82 -0.29
CA ASP D 111 4.21 27.18 0.90
C ASP D 111 5.16 27.33 2.10
N PRO D 112 6.49 27.29 1.86
CA PRO D 112 7.34 27.55 3.03
C PRO D 112 6.93 28.82 3.75
N LYS D 113 6.93 29.96 3.06
CA LYS D 113 6.60 31.20 3.73
C LYS D 113 5.12 31.35 3.98
N ASN D 114 4.29 30.48 3.39
CA ASN D 114 2.84 30.46 3.61
C ASN D 114 2.20 31.80 3.24
N THR D 115 2.39 32.19 1.98
CA THR D 115 1.77 33.39 1.43
C THR D 115 1.68 33.21 -0.08
N LEU D 116 0.85 34.06 -0.70
CA LEU D 116 0.57 33.97 -2.12
C LEU D 116 0.84 35.31 -2.78
N PHE D 117 1.39 35.25 -4.00
CA PHE D 117 1.75 36.44 -4.75
C PHE D 117 1.02 36.46 -6.08
N LEU D 118 0.77 37.66 -6.59
CA LEU D 118 0.21 37.87 -7.92
C LEU D 118 0.87 39.12 -8.50
N GLN D 119 1.73 38.93 -9.49
CA GLN D 119 2.45 40.03 -10.12
C GLN D 119 1.73 40.43 -11.41
N MET D 120 1.45 41.72 -11.55
CA MET D 120 0.80 42.27 -12.73
C MET D 120 1.69 43.36 -13.31
N THR D 121 1.73 43.42 -14.64
CA THR D 121 2.55 44.40 -15.35
C THR D 121 1.70 45.16 -16.35
N SER D 122 2.15 46.38 -16.67
CA SER D 122 1.48 47.25 -17.63
C SER D 122 0.04 47.51 -17.21
N LEU D 123 -0.12 48.07 -16.02
CA LEU D 123 -1.44 48.32 -15.45
C LEU D 123 -2.21 49.35 -16.27
N ARG D 124 -3.28 48.90 -16.91
CA ARG D 124 -4.11 49.77 -17.73
C ARG D 124 -5.08 50.57 -16.85
N SER D 125 -5.81 51.48 -17.48
CA SER D 125 -6.81 52.26 -16.76
C SER D 125 -7.95 51.37 -16.25
N GLU D 126 -8.36 50.39 -17.05
CA GLU D 126 -9.43 49.49 -16.65
C GLU D 126 -9.02 48.52 -15.55
N ASP D 127 -7.73 48.45 -15.21
CA ASP D 127 -7.25 47.53 -14.18
C ASP D 127 -7.35 48.28 -12.85
N THR D 128 -8.59 48.58 -12.46
CA THR D 128 -8.88 49.22 -11.18
C THR D 128 -10.12 48.54 -10.61
N ALA D 129 -9.93 47.71 -9.59
CA ALA D 129 -11.01 46.93 -9.04
C ALA D 129 -10.62 46.46 -7.64
N MET D 130 -11.58 45.85 -6.96
CA MET D 130 -11.36 45.29 -5.64
C MET D 130 -10.90 43.85 -5.78
N TYR D 131 -9.70 43.55 -5.32
CA TYR D 131 -9.08 42.25 -5.51
C TYR D 131 -9.23 41.41 -4.23
N TYR D 132 -9.77 40.21 -4.38
CA TYR D 132 -9.99 39.31 -3.26
C TYR D 132 -9.15 38.05 -3.42
N CYS D 133 -8.63 37.55 -2.30
CA CYS D 133 -7.86 36.31 -2.27
C CYS D 133 -8.72 35.24 -1.60
N VAL D 134 -9.10 34.23 -2.38
CA VAL D 134 -10.01 33.19 -1.91
C VAL D 134 -9.34 31.83 -2.04
N ARG D 135 -9.44 31.03 -0.99
CA ARG D 135 -8.90 29.68 -0.95
C ARG D 135 -9.92 28.67 -1.47
N SER D 136 -9.42 27.48 -1.80
CA SER D 136 -10.29 26.39 -2.24
C SER D 136 -9.50 25.10 -2.17
N ILE D 137 -10.05 24.10 -1.49
CA ILE D 137 -9.46 22.77 -1.42
C ILE D 137 -10.27 21.86 -2.35
N TYR D 138 -9.56 21.14 -3.21
CA TYR D 138 -10.21 20.31 -4.23
C TYR D 138 -9.96 18.84 -3.90
N TYR D 139 -10.96 18.22 -3.28
CA TYR D 139 -11.05 16.77 -3.16
C TYR D 139 -12.51 16.41 -3.09
N TYR D 140 -12.80 15.12 -2.97
CA TYR D 140 -14.19 14.69 -2.98
C TYR D 140 -14.94 15.26 -1.79
N GLY D 141 -16.03 15.99 -2.07
CA GLY D 141 -16.85 16.54 -1.01
C GLY D 141 -16.23 17.71 -0.28
N SER D 142 -15.26 18.38 -0.88
CA SER D 142 -14.58 19.48 -0.21
C SER D 142 -15.43 20.73 -0.39
N SER D 143 -14.91 21.87 0.07
CA SER D 143 -15.64 23.14 0.07
C SER D 143 -14.80 24.20 -0.63
N PRO D 144 -14.81 24.21 -1.95
CA PRO D 144 -14.05 25.24 -2.68
C PRO D 144 -14.68 26.61 -2.51
N PHE D 145 -13.82 27.63 -2.57
CA PHE D 145 -14.24 29.04 -2.49
C PHE D 145 -15.01 29.32 -1.20
N ASP D 146 -14.54 28.74 -0.10
CA ASP D 146 -15.22 28.92 1.18
C ASP D 146 -14.84 30.25 1.83
N PHE D 147 -13.57 30.42 2.14
CA PHE D 147 -13.08 31.57 2.89
C PHE D 147 -12.47 32.58 1.92
N TRP D 148 -13.04 33.77 1.88
CA TRP D 148 -12.53 34.88 1.08
C TRP D 148 -11.74 35.84 1.96
N GLY D 149 -10.70 36.43 1.38
CA GLY D 149 -9.89 37.37 2.12
C GLY D 149 -10.58 38.71 2.31
N GLN D 150 -9.94 39.55 3.13
CA GLN D 150 -10.47 40.89 3.35
C GLN D 150 -10.47 41.71 2.07
N GLY D 151 -9.43 41.58 1.27
CA GLY D 151 -9.36 42.23 -0.02
C GLY D 151 -8.56 43.52 0.03
N THR D 152 -7.95 43.86 -1.11
CA THR D 152 -7.21 45.11 -1.26
C THR D 152 -7.64 45.76 -2.56
N THR D 153 -7.60 47.09 -2.60
CA THR D 153 -8.01 47.83 -3.78
C THR D 153 -6.79 48.33 -4.55
N LEU D 154 -6.91 48.36 -5.87
CA LEU D 154 -5.86 48.86 -6.75
C LEU D 154 -6.47 49.92 -7.65
N THR D 155 -5.80 51.06 -7.75
CA THR D 155 -6.29 52.19 -8.55
C THR D 155 -5.14 52.75 -9.38
N VAL D 156 -5.52 53.41 -10.48
CA VAL D 156 -4.57 54.07 -11.36
C VAL D 156 -5.04 55.51 -11.59
N SER D 157 -4.09 56.37 -11.96
CA SER D 157 -4.37 57.78 -12.17
C SER D 157 -4.90 57.99 -13.58
N SER D 158 -5.13 59.24 -13.95
CA SER D 158 -5.62 59.57 -15.29
C SER D 158 -4.54 60.26 -16.11
N SER D 174 -17.48 31.34 -26.76
CA SER D 174 -16.21 31.19 -26.07
C SER D 174 -16.43 30.78 -24.61
N ASP D 175 -16.43 31.78 -23.72
CA ASP D 175 -16.61 31.54 -22.30
C ASP D 175 -18.09 31.64 -21.93
N ILE D 176 -18.39 31.33 -20.67
CA ILE D 176 -19.76 31.42 -20.19
C ILE D 176 -20.15 32.88 -20.03
N VAL D 177 -21.38 33.21 -20.42
CA VAL D 177 -21.86 34.58 -20.36
C VAL D 177 -23.11 34.65 -19.48
N MET D 178 -23.20 35.74 -18.72
CA MET D 178 -24.32 36.00 -17.82
C MET D 178 -25.34 36.89 -18.51
N THR D 179 -26.61 36.52 -18.38
CA THR D 179 -27.73 37.33 -18.86
C THR D 179 -28.66 37.58 -17.68
N GLN D 180 -28.45 38.70 -16.98
CA GLN D 180 -29.24 39.06 -15.81
C GLN D 180 -29.78 40.47 -16.03
N ALA D 181 -31.06 40.57 -16.39
CA ALA D 181 -31.68 41.87 -16.59
C ALA D 181 -31.87 42.59 -15.26
N THR D 182 -32.26 41.85 -14.22
CA THR D 182 -32.52 42.44 -12.92
C THR D 182 -31.24 42.47 -12.08
N SER D 183 -30.94 43.64 -11.51
CA SER D 183 -29.77 43.78 -10.65
C SER D 183 -30.03 44.60 -9.41
N SER D 184 -31.26 45.03 -9.16
CA SER D 184 -31.58 45.81 -7.96
C SER D 184 -33.04 45.53 -7.61
N VAL D 185 -33.26 44.69 -6.60
CA VAL D 185 -34.58 44.29 -6.16
C VAL D 185 -34.77 44.78 -4.73
N PRO D 186 -35.54 45.86 -4.53
CA PRO D 186 -35.79 46.37 -3.17
C PRO D 186 -36.73 45.46 -2.41
N VAL D 187 -36.18 44.72 -1.45
CA VAL D 187 -36.95 43.76 -0.66
C VAL D 187 -36.83 44.15 0.82
N THR D 188 -37.97 44.27 1.48
CA THR D 188 -37.99 44.59 2.90
C THR D 188 -37.65 43.33 3.72
N PRO D 189 -36.84 43.48 4.77
CA PRO D 189 -36.59 42.34 5.66
C PRO D 189 -37.88 41.78 6.25
N GLY D 190 -37.88 40.47 6.45
CA GLY D 190 -38.96 39.78 7.12
C GLY D 190 -39.49 38.55 6.41
N GLU D 191 -39.59 38.57 5.10
CA GLU D 191 -40.17 37.47 4.35
C GLU D 191 -39.16 36.90 3.36
N SER D 192 -39.62 35.90 2.59
CA SER D 192 -38.74 35.12 1.74
C SER D 192 -38.14 35.99 0.63
N VAL D 193 -36.88 35.69 0.29
CA VAL D 193 -36.17 36.36 -0.81
C VAL D 193 -35.63 35.27 -1.73
N SER D 194 -35.98 35.36 -3.02
CA SER D 194 -35.56 34.38 -4.00
C SER D 194 -34.66 35.06 -5.04
N ILE D 195 -33.43 34.58 -5.16
CA ILE D 195 -32.45 35.10 -6.10
C ILE D 195 -32.21 34.05 -7.18
N SER D 196 -32.06 34.49 -8.42
CA SER D 196 -31.82 33.59 -9.53
C SER D 196 -30.79 34.17 -10.48
N CYS D 197 -30.15 33.29 -11.24
CA CYS D 197 -29.17 33.68 -12.25
C CYS D 197 -29.41 32.87 -13.52
N ARG D 198 -28.68 33.23 -14.57
CA ARG D 198 -28.77 32.56 -15.85
C ARG D 198 -27.39 32.09 -16.30
N SER D 199 -27.34 30.89 -16.86
CA SER D 199 -26.09 30.30 -17.34
C SER D 199 -26.19 30.02 -18.83
N SER D 200 -25.05 30.07 -19.51
CA SER D 200 -25.04 29.87 -20.96
C SER D 200 -25.40 28.44 -21.33
N LYS D 201 -24.61 27.47 -20.87
CA LYS D 201 -24.83 26.07 -21.20
C LYS D 201 -25.17 25.29 -19.92
N SER D 202 -25.38 24.00 -20.09
CA SER D 202 -25.79 23.15 -18.98
C SER D 202 -24.69 23.04 -17.94
N LEU D 203 -25.09 22.78 -16.70
CA LEU D 203 -24.17 22.66 -15.59
C LEU D 203 -23.95 21.23 -15.13
N LEU D 204 -24.90 20.34 -15.40
CA LEU D 204 -24.80 18.96 -14.95
C LEU D 204 -23.67 18.22 -15.66
N HIS D 205 -22.54 18.07 -14.97
CA HIS D 205 -21.42 17.29 -15.46
C HIS D 205 -21.69 15.80 -15.22
N SER D 206 -20.95 14.96 -15.95
CA SER D 206 -21.07 13.52 -15.74
C SER D 206 -20.71 13.12 -14.32
N ASN D 207 -19.96 13.95 -13.60
CA ASN D 207 -19.73 13.72 -12.18
C ASN D 207 -20.99 13.93 -11.36
N GLY D 208 -22.02 14.56 -11.94
CA GLY D 208 -23.25 14.82 -11.22
C GLY D 208 -23.25 16.08 -10.40
N ASN D 209 -22.16 16.87 -10.43
CA ASN D 209 -22.05 18.09 -9.64
C ASN D 209 -22.24 19.28 -10.56
N THR D 210 -23.27 20.08 -10.28
CA THR D 210 -23.50 21.33 -11.01
C THR D 210 -22.67 22.34 -10.23
N TYR D 211 -21.57 22.77 -10.83
CA TYR D 211 -20.58 23.60 -10.15
C TYR D 211 -21.06 25.05 -10.27
N LEU D 212 -22.06 25.37 -9.47
CA LEU D 212 -22.58 26.73 -9.33
C LEU D 212 -22.31 27.21 -7.91
N TYR D 213 -21.66 28.36 -7.77
CA TYR D 213 -21.22 28.87 -6.48
C TYR D 213 -21.93 30.19 -6.19
N TRP D 214 -22.65 30.23 -5.08
CA TRP D 214 -23.34 31.42 -4.62
C TRP D 214 -22.47 32.20 -3.65
N PHE D 215 -22.61 33.52 -3.65
CA PHE D 215 -21.87 34.35 -2.72
C PHE D 215 -22.70 35.57 -2.33
N LEU D 216 -22.48 36.03 -1.11
CA LEU D 216 -23.12 37.23 -0.59
C LEU D 216 -22.06 38.24 -0.20
N GLN D 217 -22.15 39.45 -0.74
CA GLN D 217 -21.21 40.52 -0.47
C GLN D 217 -21.89 41.55 0.39
N ARG D 218 -21.46 41.58 1.64
CA ARG D 218 -22.00 42.49 2.58
C ARG D 218 -21.51 43.90 2.35
N PRO D 219 -22.33 44.92 2.67
CA PRO D 219 -21.79 46.27 2.45
C PRO D 219 -20.56 46.51 3.32
N GLY D 220 -19.48 46.95 2.68
CA GLY D 220 -18.24 47.20 3.38
C GLY D 220 -17.63 45.96 4.02
N GLN D 221 -17.67 44.83 3.31
CA GLN D 221 -17.12 43.58 3.83
C GLN D 221 -16.61 42.75 2.66
N SER D 222 -16.36 41.45 2.92
CA SER D 222 -15.85 40.46 1.97
C SER D 222 -16.95 39.51 1.56
N PRO D 223 -16.86 38.92 0.37
CA PRO D 223 -17.86 37.94 -0.05
C PRO D 223 -17.78 36.68 0.80
N GLN D 224 -18.92 36.00 0.93
CA GLN D 224 -19.04 34.80 1.73
C GLN D 224 -19.77 33.73 0.94
N LEU D 225 -19.23 32.52 0.96
CA LEU D 225 -19.88 31.42 0.27
C LEU D 225 -21.14 30.98 0.98
N LEU D 226 -22.25 30.98 0.25
CA LEU D 226 -23.52 30.54 0.80
C LEU D 226 -23.85 29.09 0.47
N ILE D 227 -23.81 28.74 -0.81
CA ILE D 227 -24.16 27.41 -1.28
C ILE D 227 -23.19 27.07 -2.40
N TYR D 228 -22.24 26.19 -2.12
CA TYR D 228 -21.33 25.75 -3.17
C TYR D 228 -22.01 24.61 -3.91
N ARG D 229 -21.58 24.36 -5.13
CA ARG D 229 -22.19 23.30 -5.94
C ARG D 229 -23.70 23.45 -6.10
N MET D 230 -24.25 24.67 -5.94
CA MET D 230 -25.66 24.95 -6.20
C MET D 230 -26.63 24.19 -5.30
N SER D 231 -26.13 23.26 -4.47
CA SER D 231 -27.04 22.47 -3.65
C SER D 231 -26.58 22.25 -2.22
N ASN D 232 -25.30 22.47 -1.92
CA ASN D 232 -24.77 22.19 -0.58
C ASN D 232 -24.38 23.43 0.21
N LEU D 233 -24.88 23.55 1.44
CA LEU D 233 -24.59 24.71 2.27
C LEU D 233 -23.14 24.70 2.73
N ALA D 234 -22.58 25.90 2.92
CA ALA D 234 -21.19 26.04 3.32
C ALA D 234 -21.09 26.03 4.84
N SER D 235 -19.90 26.29 5.36
CA SER D 235 -19.64 26.28 6.80
C SER D 235 -19.79 27.67 7.40
N GLY D 236 -20.31 27.72 8.63
CA GLY D 236 -20.52 28.99 9.30
C GLY D 236 -21.53 29.88 8.62
N VAL D 237 -22.61 29.29 8.11
CA VAL D 237 -23.66 30.05 7.43
C VAL D 237 -25.01 29.57 7.96
N PRO D 238 -25.93 30.48 8.27
CA PRO D 238 -27.24 30.07 8.79
C PRO D 238 -28.02 29.24 7.79
N ASP D 239 -28.83 28.32 8.31
CA ASP D 239 -29.57 27.38 7.47
C ASP D 239 -30.68 28.03 6.67
N ARG D 240 -31.03 29.29 6.95
CA ARG D 240 -32.12 29.93 6.22
C ARG D 240 -31.79 30.09 4.75
N PHE D 241 -30.51 30.24 4.40
CA PHE D 241 -30.12 30.24 3.01
C PHE D 241 -30.32 28.86 2.39
N SER D 242 -30.73 28.84 1.13
CA SER D 242 -30.91 27.58 0.42
C SER D 242 -30.78 27.84 -1.07
N GLY D 243 -30.44 26.78 -1.80
CA GLY D 243 -30.26 26.87 -3.23
C GLY D 243 -30.50 25.54 -3.92
N SER D 244 -31.27 25.55 -5.01
CA SER D 244 -31.58 24.33 -5.74
C SER D 244 -31.85 24.68 -7.19
N GLY D 245 -31.74 23.68 -8.05
CA GLY D 245 -31.99 23.87 -9.46
C GLY D 245 -31.60 22.64 -10.24
N SER D 246 -31.92 22.68 -11.53
CA SER D 246 -31.63 21.59 -12.46
C SER D 246 -30.97 22.17 -13.70
N GLY D 247 -29.67 21.93 -13.84
CA GLY D 247 -28.93 22.40 -15.00
C GLY D 247 -28.88 23.91 -15.12
N THR D 248 -29.50 24.43 -16.18
CA THR D 248 -29.51 25.87 -16.45
C THR D 248 -30.53 26.63 -15.62
N ALA D 249 -31.50 25.94 -15.02
CA ALA D 249 -32.54 26.58 -14.22
C ALA D 249 -32.23 26.34 -12.76
N PHE D 250 -32.08 27.42 -11.99
CA PHE D 250 -31.71 27.34 -10.58
C PHE D 250 -32.09 28.63 -9.89
N THR D 251 -32.12 28.57 -8.56
CA THR D 251 -32.46 29.74 -7.77
C THR D 251 -31.88 29.60 -6.36
N LEU D 252 -31.78 30.74 -5.68
CA LEU D 252 -31.33 30.81 -4.29
C LEU D 252 -32.49 31.29 -3.43
N THR D 253 -32.75 30.57 -2.34
CA THR D 253 -33.90 30.83 -1.49
C THR D 253 -33.45 31.15 -0.07
N ILE D 254 -34.07 32.19 0.52
CA ILE D 254 -33.88 32.54 1.92
C ILE D 254 -35.25 32.57 2.57
N SER D 255 -35.41 31.82 3.67
CA SER D 255 -36.69 31.78 4.34
C SER D 255 -37.04 33.12 4.98
N ARG D 256 -36.12 33.69 5.75
CA ARG D 256 -36.32 34.95 6.44
C ARG D 256 -35.11 35.85 6.21
N LEU D 257 -35.37 37.15 6.07
CA LEU D 257 -34.32 38.12 5.82
C LEU D 257 -34.01 38.89 7.10
N GLU D 258 -32.74 38.92 7.49
CA GLU D 258 -32.29 39.64 8.66
C GLU D 258 -31.72 41.00 8.25
N ALA D 259 -31.46 41.83 9.26
CA ALA D 259 -30.84 43.13 9.01
C ALA D 259 -29.44 42.97 8.44
N GLU D 260 -28.67 42.00 8.95
CA GLU D 260 -27.34 41.73 8.42
C GLU D 260 -27.38 41.01 7.09
N ASP D 261 -28.45 40.31 6.75
CA ASP D 261 -28.55 39.66 5.44
C ASP D 261 -28.64 40.57 4.23
N VAL D 262 -28.70 41.87 4.42
CA VAL D 262 -28.69 42.78 3.27
C VAL D 262 -27.34 42.69 2.57
N GLY D 263 -27.36 42.82 1.26
CA GLY D 263 -26.14 42.74 0.47
C GLY D 263 -26.46 42.24 -0.92
N VAL D 264 -25.46 42.37 -1.80
CA VAL D 264 -25.57 41.98 -3.19
C VAL D 264 -25.18 40.51 -3.32
N TYR D 265 -26.04 39.74 -3.98
CA TYR D 265 -25.82 38.31 -4.20
C TYR D 265 -25.12 38.12 -5.54
N TYR D 266 -24.40 37.01 -5.67
CA TYR D 266 -23.61 36.74 -6.87
C TYR D 266 -23.67 35.26 -7.20
N CYS D 267 -23.38 34.94 -8.45
CA CYS D 267 -23.36 33.56 -8.93
C CYS D 267 -22.06 33.30 -9.69
N MET D 268 -21.53 32.09 -9.53
CA MET D 268 -20.26 31.71 -10.13
C MET D 268 -20.37 30.35 -10.81
N GLN D 269 -19.65 30.19 -11.91
CA GLN D 269 -19.59 28.93 -12.64
C GLN D 269 -18.18 28.37 -12.59
N HIS D 270 -18.08 27.05 -12.42
CA HIS D 270 -16.79 26.38 -12.31
C HIS D 270 -16.66 25.18 -13.24
N LEU D 271 -17.58 24.99 -14.19
CA LEU D 271 -17.54 23.80 -15.04
C LEU D 271 -16.30 23.80 -15.91
N GLU D 272 -16.06 24.88 -16.63
CA GLU D 272 -14.97 24.96 -17.59
C GLU D 272 -13.77 25.64 -16.95
N TYR D 273 -12.71 25.80 -17.75
CA TYR D 273 -11.51 26.46 -17.25
C TYR D 273 -11.77 27.90 -16.81
N PRO D 274 -12.45 28.75 -17.60
CA PRO D 274 -12.75 30.10 -17.10
C PRO D 274 -13.89 30.07 -16.10
N LEU D 275 -13.75 30.88 -15.04
CA LEU D 275 -14.80 31.02 -14.03
C LEU D 275 -15.38 32.43 -14.18
N THR D 276 -16.43 32.52 -15.00
CA THR D 276 -17.03 33.81 -15.30
C THR D 276 -18.00 34.20 -14.21
N PHE D 277 -17.84 35.42 -13.70
CA PHE D 277 -18.75 36.00 -12.73
C PHE D 277 -19.83 36.81 -13.45
N GLY D 278 -20.62 37.55 -12.68
CA GLY D 278 -21.65 38.39 -13.24
C GLY D 278 -22.19 39.33 -12.18
N ALA D 279 -22.99 40.28 -12.64
CA ALA D 279 -23.63 41.26 -11.76
C ALA D 279 -24.94 40.65 -11.25
N GLY D 280 -24.91 40.14 -10.02
CA GLY D 280 -26.07 39.49 -9.44
C GLY D 280 -27.01 40.46 -8.76
N THR D 281 -28.03 39.89 -8.11
CA THR D 281 -29.05 40.68 -7.45
C THR D 281 -28.45 41.48 -6.30
N LYS D 282 -28.84 42.75 -6.20
CA LYS D 282 -28.44 43.63 -5.11
C LYS D 282 -29.65 43.97 -4.26
N LEU D 283 -29.50 43.86 -2.95
CA LEU D 283 -30.58 44.12 -2.01
C LEU D 283 -30.38 45.50 -1.38
N GLU D 284 -31.41 46.33 -1.44
CA GLU D 284 -31.35 47.69 -0.93
C GLU D 284 -32.11 47.79 0.39
N LEU D 285 -31.80 48.84 1.14
CA LEU D 285 -32.45 49.09 2.42
C LEU D 285 -33.88 49.54 2.23
N VAL E 91 22.73 -29.35 -39.74
CA VAL E 91 23.18 -28.08 -39.18
C VAL E 91 22.08 -27.01 -39.20
N PRO E 92 21.38 -26.81 -40.34
CA PRO E 92 20.23 -25.90 -40.30
C PRO E 92 19.14 -26.35 -39.33
N VAL E 93 18.93 -27.66 -39.21
CA VAL E 93 17.95 -28.17 -38.26
C VAL E 93 18.36 -27.85 -36.83
N LEU E 94 19.64 -28.04 -36.51
CA LEU E 94 20.14 -27.71 -35.18
C LEU E 94 20.03 -26.22 -34.90
N TYR E 95 20.34 -25.39 -35.89
CA TYR E 95 20.22 -23.94 -35.71
C TYR E 95 18.78 -23.54 -35.47
N LEU E 96 17.84 -24.13 -36.22
CA LEU E 96 16.43 -23.83 -36.01
C LEU E 96 15.97 -24.28 -34.63
N LEU E 97 16.42 -25.46 -34.19
CA LEU E 97 16.06 -25.95 -32.87
C LEU E 97 16.59 -25.02 -31.78
N VAL E 98 17.84 -24.57 -31.91
CA VAL E 98 18.41 -23.67 -30.92
C VAL E 98 17.66 -22.34 -30.89
N CYS E 99 17.33 -21.81 -32.07
CA CYS E 99 16.58 -20.55 -32.13
C CYS E 99 15.20 -20.70 -31.49
N ALA E 100 14.52 -21.81 -31.78
CA ALA E 100 13.21 -22.04 -31.19
C ALA E 100 13.30 -22.18 -29.68
N ALA E 101 14.30 -22.91 -29.19
CA ALA E 101 14.45 -23.07 -27.75
C ALA E 101 14.73 -21.74 -27.07
N GLY E 102 15.61 -20.92 -27.66
CA GLY E 102 15.88 -19.61 -27.08
C GLY E 102 14.66 -18.71 -27.08
N LEU E 103 13.92 -18.69 -28.18
CA LEU E 103 12.72 -17.88 -28.25
C LEU E 103 11.70 -18.33 -27.20
N GLY E 104 11.51 -19.65 -27.07
CA GLY E 104 10.56 -20.15 -26.08
C GLY E 104 10.98 -19.82 -24.66
N GLY E 105 12.27 -19.96 -24.35
CA GLY E 105 12.74 -19.62 -23.02
C GLY E 105 12.58 -18.14 -22.70
N ASN E 106 12.92 -17.27 -23.66
CA ASN E 106 12.75 -15.84 -23.43
C ASN E 106 11.28 -15.47 -23.28
N THR E 107 10.41 -16.09 -24.08
CA THR E 107 8.98 -15.84 -23.95
C THR E 107 8.46 -16.31 -22.59
N LEU E 108 8.94 -17.46 -22.11
CA LEU E 108 8.55 -17.94 -20.79
C LEU E 108 9.00 -16.96 -19.71
N VAL E 109 10.23 -16.46 -19.83
CA VAL E 109 10.73 -15.49 -18.86
C VAL E 109 9.87 -14.24 -18.85
N ILE E 110 9.52 -13.74 -20.04
CA ILE E 110 8.68 -12.54 -20.12
C ILE E 110 7.30 -12.81 -19.52
N TYR E 111 6.72 -13.98 -19.81
CA TYR E 111 5.39 -14.30 -19.30
C TYR E 111 5.40 -14.39 -17.77
N VAL E 112 6.43 -15.02 -17.20
CA VAL E 112 6.52 -15.09 -15.75
C VAL E 112 6.78 -13.71 -15.14
N VAL E 113 7.47 -12.83 -15.87
CA VAL E 113 7.75 -11.50 -15.34
C VAL E 113 6.63 -10.52 -15.67
N LEU E 114 6.18 -10.47 -16.91
CA LEU E 114 5.20 -9.47 -17.35
C LEU E 114 3.77 -9.99 -17.31
N ARG E 115 3.49 -11.15 -17.88
CA ARG E 115 2.13 -11.67 -17.94
C ARG E 115 1.64 -12.23 -16.61
N PHE E 116 2.54 -12.48 -15.66
CA PHE E 116 2.18 -12.96 -14.34
C PHE E 116 1.95 -11.83 -13.36
N ALA E 117 1.91 -10.58 -13.84
CA ALA E 117 1.74 -9.38 -13.02
C ALA E 117 2.89 -9.19 -12.03
N LYS E 118 3.97 -9.94 -12.20
CA LYS E 118 5.16 -9.79 -11.35
C LYS E 118 6.03 -8.65 -11.86
N MET E 119 5.46 -7.45 -11.79
CA MET E 119 6.08 -6.24 -12.33
C MET E 119 6.17 -5.17 -11.26
N LYS E 120 6.48 -3.94 -11.68
CA LYS E 120 6.63 -2.78 -10.80
C LYS E 120 7.84 -2.90 -9.89
N THR E 121 8.77 -3.79 -10.23
CA THR E 121 10.07 -3.87 -9.57
C THR E 121 11.14 -3.66 -10.62
N VAL E 122 12.17 -2.89 -10.26
CA VAL E 122 13.19 -2.52 -11.24
C VAL E 122 13.91 -3.75 -11.78
N THR E 123 14.12 -4.75 -10.93
CA THR E 123 14.73 -6.00 -11.41
C THR E 123 13.81 -6.70 -12.41
N ASN E 124 12.51 -6.74 -12.12
CA ASN E 124 11.57 -7.35 -13.04
C ASN E 124 11.51 -6.58 -14.36
N ILE E 125 11.53 -5.25 -14.29
CA ILE E 125 11.50 -4.44 -15.51
C ILE E 125 12.75 -4.68 -16.34
N TYR E 126 13.93 -4.71 -15.70
CA TYR E 126 15.16 -4.97 -16.42
C TYR E 126 15.17 -6.37 -17.03
N ILE E 127 14.68 -7.37 -16.29
CA ILE E 127 14.59 -8.72 -16.82
C ILE E 127 13.67 -8.76 -18.03
N LEU E 128 12.53 -8.07 -17.95
CA LEU E 128 11.61 -8.03 -19.07
C LEU E 128 12.26 -7.38 -20.29
N ASN E 129 13.00 -6.29 -20.09
CA ASN E 129 13.63 -5.61 -21.21
C ASN E 129 14.68 -6.51 -21.85
N LEU E 130 15.53 -7.13 -21.03
CA LEU E 130 16.57 -8.01 -21.57
C LEU E 130 15.95 -9.20 -22.28
N ALA E 131 14.88 -9.77 -21.71
CA ALA E 131 14.22 -10.91 -22.34
C ALA E 131 13.63 -10.53 -23.68
N VAL E 132 12.94 -9.38 -23.74
CA VAL E 132 12.36 -8.93 -25.00
C VAL E 132 13.45 -8.68 -26.03
N ALA E 133 14.53 -8.01 -25.62
CA ALA E 133 15.64 -7.76 -26.52
C ALA E 133 16.21 -9.06 -27.06
N ASP E 134 16.37 -10.06 -26.19
CA ASP E 134 16.98 -11.31 -26.61
C ASP E 134 16.06 -12.09 -27.55
N VAL E 135 14.75 -12.16 -27.25
CA VAL E 135 13.80 -12.91 -28.09
C VAL E 135 13.59 -12.24 -29.44
N LEU E 136 13.61 -10.91 -29.46
CA LEU E 136 13.46 -10.16 -30.71
C LEU E 136 14.72 -10.34 -31.50
N TYR E 137 15.86 -10.28 -30.82
CA TYR E 137 17.11 -10.56 -31.51
C TYR E 137 17.11 -11.96 -32.11
N MET E 138 16.53 -12.91 -31.38
CA MET E 138 16.45 -14.30 -31.85
C MET E 138 15.61 -14.40 -33.10
N LEU E 139 14.58 -13.57 -33.23
CA LEU E 139 13.65 -13.67 -34.35
C LEU E 139 14.33 -13.57 -35.70
N GLY E 140 15.49 -12.91 -35.78
CA GLY E 140 16.20 -12.82 -37.04
C GLY E 140 16.98 -14.07 -37.41
N LEU E 141 17.28 -14.94 -36.45
CA LEU E 141 18.05 -16.15 -36.74
C LEU E 141 17.34 -17.08 -37.71
N PRO E 142 16.05 -17.41 -37.56
CA PRO E 142 15.42 -18.29 -38.56
C PRO E 142 15.42 -17.71 -39.96
N PHE E 143 15.39 -16.38 -40.10
CA PHE E 143 15.47 -15.76 -41.42
C PHE E 143 16.78 -16.10 -42.11
N LEU E 144 17.89 -16.08 -41.35
CA LEU E 144 19.19 -16.45 -41.89
C LEU E 144 19.47 -17.94 -41.77
N ALA E 145 18.53 -18.71 -41.23
CA ALA E 145 18.75 -20.15 -41.06
C ALA E 145 18.85 -20.89 -42.38
N THR E 146 18.11 -20.46 -43.41
CA THR E 146 18.14 -21.12 -44.71
C THR E 146 19.21 -20.41 -45.53
N GLN E 147 20.43 -20.96 -45.50
CA GLN E 147 21.55 -20.42 -46.27
C GLN E 147 21.77 -21.34 -47.48
N ASN E 148 20.89 -21.28 -48.47
CA ASN E 148 20.94 -22.14 -49.64
C ASN E 148 21.50 -21.46 -50.88
N ALA E 149 21.37 -20.14 -51.00
CA ALA E 149 21.85 -19.39 -52.15
C ALA E 149 22.75 -18.26 -51.67
N ALA E 150 23.13 -17.39 -52.60
CA ALA E 150 23.92 -16.21 -52.24
C ALA E 150 23.06 -15.23 -51.44
N SER E 151 22.00 -14.71 -52.05
CA SER E 151 21.07 -13.81 -51.39
C SER E 151 19.81 -14.57 -50.98
N PHE E 152 19.13 -14.02 -49.98
CA PHE E 152 17.90 -14.64 -49.50
C PHE E 152 16.77 -14.43 -50.50
N TRP E 153 15.71 -15.22 -50.35
CA TRP E 153 14.55 -15.18 -51.23
C TRP E 153 13.87 -13.82 -51.28
N PRO E 154 13.69 -13.10 -50.15
CA PRO E 154 13.18 -11.73 -50.25
C PRO E 154 14.07 -10.87 -51.13
N PHE E 155 13.44 -10.11 -52.03
CA PHE E 155 14.18 -9.32 -53.03
C PHE E 155 14.32 -7.87 -52.57
N GLY E 156 14.83 -7.70 -51.34
CA GLY E 156 15.14 -6.37 -50.85
C GLY E 156 14.40 -5.89 -49.62
N PRO E 157 13.07 -6.10 -49.53
CA PRO E 157 12.33 -5.57 -48.37
C PRO E 157 12.77 -6.16 -47.04
N VAL E 158 13.46 -7.30 -47.08
CA VAL E 158 13.88 -8.00 -45.87
C VAL E 158 15.40 -8.07 -45.74
N LEU E 159 16.12 -8.09 -46.87
CA LEU E 159 17.57 -8.28 -46.88
C LEU E 159 18.31 -7.27 -46.03
N CYS E 160 18.25 -5.98 -46.40
CA CYS E 160 18.96 -4.94 -45.69
C CYS E 160 18.05 -3.90 -45.07
N ARG E 161 16.75 -3.91 -45.40
CA ARG E 161 15.85 -2.90 -44.85
C ARG E 161 15.51 -3.18 -43.39
N LEU E 162 15.23 -4.44 -43.05
CA LEU E 162 14.69 -4.77 -41.74
C LEU E 162 15.58 -5.70 -40.93
N VAL E 163 16.01 -6.83 -41.51
CA VAL E 163 16.66 -7.88 -40.74
C VAL E 163 18.05 -7.43 -40.27
N MET E 164 18.89 -7.01 -41.21
CA MET E 164 20.26 -6.64 -40.83
C MET E 164 20.32 -5.31 -40.10
N THR E 165 19.18 -4.67 -39.85
CA THR E 165 19.11 -3.49 -38.99
C THR E 165 18.63 -3.87 -37.60
N LEU E 166 17.49 -4.55 -37.51
CA LEU E 166 16.94 -4.94 -36.21
C LEU E 166 17.86 -5.91 -35.50
N ASP E 167 18.48 -6.85 -36.24
CA ASP E 167 19.38 -7.81 -35.61
C ASP E 167 20.56 -7.12 -34.96
N GLY E 168 21.20 -6.20 -35.67
CA GLY E 168 22.31 -5.47 -35.08
C GLY E 168 21.87 -4.60 -33.91
N VAL E 169 20.72 -3.94 -34.06
CA VAL E 169 20.21 -3.09 -32.98
C VAL E 169 20.01 -3.90 -31.71
N ASN E 170 19.40 -5.08 -31.85
CA ASN E 170 19.19 -5.96 -30.70
C ASN E 170 20.50 -6.50 -30.14
N GLN E 171 21.42 -6.86 -31.02
CA GLN E 171 22.73 -7.33 -30.59
C GLN E 171 23.42 -6.30 -29.71
N PHE E 172 23.26 -5.02 -30.04
CA PHE E 172 23.82 -3.98 -29.18
C PHE E 172 23.01 -3.79 -27.90
N THR E 173 21.67 -3.78 -28.03
CA THR E 173 20.84 -3.44 -26.87
C THR E 173 20.77 -4.55 -25.83
N SER E 174 21.07 -5.80 -26.20
CA SER E 174 21.12 -6.86 -25.21
C SER E 174 22.29 -6.67 -24.25
N VAL E 175 23.46 -6.37 -24.80
CA VAL E 175 24.60 -6.02 -23.96
C VAL E 175 24.33 -4.72 -23.22
N PHE E 176 23.61 -3.80 -23.86
CA PHE E 176 23.24 -2.55 -23.19
C PHE E 176 22.26 -2.76 -22.04
N CYS E 177 21.51 -3.86 -22.05
CA CYS E 177 20.73 -4.23 -20.87
C CYS E 177 21.54 -5.01 -19.85
N LEU E 178 22.50 -5.80 -20.28
CA LEU E 178 23.35 -6.51 -19.33
C LEU E 178 24.15 -5.53 -18.49
N THR E 179 24.66 -4.47 -19.12
CA THR E 179 25.43 -3.48 -18.37
C THR E 179 24.57 -2.78 -17.33
N VAL E 180 23.32 -2.42 -17.68
CA VAL E 180 22.47 -1.79 -16.69
C VAL E 180 21.96 -2.81 -15.67
N MET E 181 22.06 -4.09 -15.99
CA MET E 181 21.71 -5.08 -14.99
C MET E 181 22.82 -5.03 -13.94
N SER E 182 24.09 -5.04 -14.34
CA SER E 182 25.16 -4.92 -13.36
C SER E 182 25.09 -3.60 -12.61
N VAL E 183 24.69 -2.53 -13.30
CA VAL E 183 24.54 -1.24 -12.64
C VAL E 183 23.48 -1.30 -11.55
N ASP E 184 22.33 -1.91 -11.86
CA ASP E 184 21.26 -2.06 -10.88
C ASP E 184 21.70 -2.95 -9.72
N ARG E 185 22.53 -3.94 -10.01
CA ARG E 185 23.05 -4.82 -8.96
C ARG E 185 23.92 -3.99 -8.02
N TYR E 186 24.75 -3.13 -8.61
CA TYR E 186 25.61 -2.27 -7.80
C TYR E 186 24.79 -1.30 -6.96
N LEU E 187 23.72 -0.74 -7.54
CA LEU E 187 22.87 0.16 -6.77
C LEU E 187 22.17 -0.57 -5.63
N ALA E 188 21.84 -1.84 -5.83
CA ALA E 188 21.11 -2.56 -4.78
C ALA E 188 22.04 -3.03 -3.67
N VAL E 189 23.00 -3.89 -3.99
CA VAL E 189 23.80 -4.52 -2.96
C VAL E 189 24.75 -3.53 -2.31
N VAL E 190 25.35 -2.64 -3.10
CA VAL E 190 26.43 -1.80 -2.59
C VAL E 190 25.89 -0.50 -2.00
N HIS E 191 24.92 0.15 -2.64
CA HIS E 191 24.38 1.44 -2.19
C HIS E 191 22.87 1.32 -1.98
N PRO E 192 22.46 0.59 -0.90
CA PRO E 192 21.01 0.50 -0.81
C PRO E 192 20.47 1.75 -0.16
N LEU E 193 21.34 2.71 0.17
CA LEU E 193 20.90 3.90 0.92
C LEU E 193 20.34 5.00 0.04
N SER E 194 20.46 4.85 -1.26
CA SER E 194 19.93 5.82 -2.22
C SER E 194 19.28 5.15 -3.41
N SER E 195 19.03 3.84 -3.37
CA SER E 195 18.53 3.12 -4.54
C SER E 195 17.18 3.66 -4.98
N ALA E 196 16.16 3.53 -4.12
CA ALA E 196 14.81 3.96 -4.50
C ALA E 196 14.77 5.45 -4.82
N ARG E 197 15.71 6.24 -4.31
CA ARG E 197 15.83 7.62 -4.76
C ARG E 197 16.35 7.70 -6.19
N TRP E 198 17.28 6.82 -6.57
CA TRP E 198 17.77 6.77 -7.94
C TRP E 198 17.20 5.61 -8.74
N ARG E 199 16.34 4.79 -8.14
CA ARG E 199 15.67 3.69 -8.83
C ARG E 199 14.17 3.80 -8.56
N ARG E 200 13.38 3.89 -9.62
CA ARG E 200 11.93 3.86 -9.52
C ARG E 200 11.43 3.19 -10.80
N PRO E 201 10.22 2.61 -10.80
CA PRO E 201 9.70 2.00 -12.02
C PRO E 201 9.71 2.98 -13.19
N ARG E 202 9.44 4.26 -12.89
CA ARG E 202 9.59 5.29 -13.91
C ARG E 202 11.03 5.37 -14.40
N VAL E 203 12.00 5.36 -13.47
CA VAL E 203 13.40 5.42 -13.86
C VAL E 203 13.82 4.15 -14.59
N ALA E 204 13.30 3.00 -14.17
CA ALA E 204 13.62 1.76 -14.86
C ALA E 204 13.10 1.78 -16.29
N LYS E 205 11.87 2.26 -16.50
CA LYS E 205 11.35 2.39 -17.85
C LYS E 205 12.16 3.42 -18.65
N LEU E 206 12.60 4.49 -18.00
CA LEU E 206 13.44 5.49 -18.67
C LEU E 206 14.74 4.87 -19.15
N ALA E 207 15.41 4.09 -18.30
CA ALA E 207 16.67 3.45 -18.70
C ALA E 207 16.43 2.41 -19.78
N SER E 208 15.32 1.67 -19.68
CA SER E 208 14.97 0.70 -20.72
C SER E 208 14.77 1.38 -22.08
N ALA E 209 14.02 2.48 -22.09
CA ALA E 209 13.80 3.21 -23.33
C ALA E 209 15.09 3.82 -23.85
N ALA E 210 15.97 4.27 -22.94
CA ALA E 210 17.25 4.81 -23.36
C ALA E 210 18.10 3.74 -24.03
N ALA E 211 18.13 2.54 -23.48
CA ALA E 211 18.86 1.44 -24.12
C ALA E 211 18.24 1.09 -25.46
N TRP E 212 16.92 1.00 -25.53
CA TRP E 212 16.24 0.68 -26.77
C TRP E 212 16.37 1.77 -27.83
N VAL E 213 16.64 3.01 -27.42
CA VAL E 213 16.79 4.09 -28.38
C VAL E 213 18.25 4.26 -28.81
N LEU E 214 19.21 3.95 -27.93
CA LEU E 214 20.59 3.84 -28.37
C LEU E 214 20.82 2.59 -29.20
N SER E 215 19.82 1.69 -29.23
CA SER E 215 19.91 0.48 -30.04
C SER E 215 19.96 0.81 -31.52
N LEU E 216 19.12 1.76 -31.96
CA LEU E 216 19.10 2.16 -33.36
C LEU E 216 20.17 3.20 -33.70
N CYS E 217 20.83 3.78 -32.69
CA CYS E 217 21.87 4.75 -32.97
C CYS E 217 23.01 4.14 -33.79
N MET E 218 23.41 2.91 -33.44
CA MET E 218 24.40 2.19 -34.21
C MET E 218 23.80 1.40 -35.37
N SER E 219 22.51 1.09 -35.32
CA SER E 219 21.88 0.36 -36.41
C SER E 219 21.47 1.26 -37.56
N LEU E 220 21.54 2.58 -37.39
CA LEU E 220 21.24 3.48 -38.51
C LEU E 220 22.17 3.28 -39.69
N PRO E 221 23.50 3.16 -39.53
CA PRO E 221 24.32 2.77 -40.68
C PRO E 221 23.92 1.43 -41.26
N LEU E 222 23.43 0.51 -40.45
CA LEU E 222 22.94 -0.77 -40.94
C LEU E 222 21.59 -0.67 -41.63
N LEU E 223 20.94 0.49 -41.56
CA LEU E 223 19.64 0.70 -42.20
C LEU E 223 19.64 1.85 -43.20
N VAL E 224 20.30 2.97 -42.90
CA VAL E 224 20.31 4.13 -43.79
C VAL E 224 21.45 3.97 -44.79
N PHE E 225 22.64 3.64 -44.29
CA PHE E 225 23.79 3.37 -45.14
C PHE E 225 23.82 1.93 -45.62
N ALA E 226 22.68 1.24 -45.56
CA ALA E 226 22.62 -0.15 -45.99
C ALA E 226 22.62 -0.23 -47.51
N ASP E 227 23.58 -0.97 -48.06
CA ASP E 227 23.65 -1.20 -49.50
C ASP E 227 23.06 -2.57 -49.78
N VAL E 228 21.91 -2.59 -50.44
CA VAL E 228 21.27 -3.87 -50.79
C VAL E 228 22.14 -4.58 -51.81
N GLN E 229 22.81 -5.64 -51.38
CA GLN E 229 23.79 -6.34 -52.20
C GLN E 229 23.12 -7.51 -52.91
N GLU E 230 23.18 -7.50 -54.24
CA GLU E 230 22.64 -8.62 -55.01
C GLU E 230 23.43 -9.90 -54.73
N GLY E 231 24.71 -9.79 -54.41
CA GLY E 231 25.53 -10.92 -54.02
C GLY E 231 25.60 -11.01 -52.50
N GLY E 232 25.22 -12.17 -51.98
CA GLY E 232 25.16 -12.39 -50.56
C GLY E 232 23.81 -12.00 -49.97
N THR E 233 23.54 -12.52 -48.77
CA THR E 233 22.30 -12.21 -48.08
C THR E 233 22.13 -10.70 -47.90
N CYS E 234 23.04 -10.09 -47.17
CA CYS E 234 23.14 -8.63 -47.07
C CYS E 234 24.47 -8.29 -46.41
N ASN E 235 25.20 -7.37 -47.03
CA ASN E 235 26.47 -6.91 -46.48
C ASN E 235 26.72 -5.47 -46.93
N ALA E 236 26.51 -4.52 -46.03
CA ALA E 236 26.49 -3.11 -46.40
C ALA E 236 27.82 -2.41 -46.12
N SER E 237 28.23 -2.34 -44.85
CA SER E 237 29.34 -1.49 -44.42
C SER E 237 28.99 -0.17 -45.10
N TRP E 238 29.91 0.33 -45.91
CA TRP E 238 29.60 1.47 -46.70
C TRP E 238 29.70 0.88 -48.13
N PRO E 239 28.70 1.12 -49.04
CA PRO E 239 28.92 0.62 -50.39
C PRO E 239 30.19 1.28 -50.94
N GLU E 240 30.68 2.34 -50.29
CA GLU E 240 31.89 3.04 -50.71
C GLU E 240 33.08 2.59 -49.81
N PRO E 241 34.35 3.04 -50.07
CA PRO E 241 35.55 2.62 -49.30
C PRO E 241 35.43 1.85 -47.98
N VAL E 242 35.29 0.53 -48.04
CA VAL E 242 35.15 -0.26 -46.83
C VAL E 242 36.46 -0.42 -46.05
N GLY E 243 37.62 -0.29 -46.69
CA GLY E 243 38.87 -0.36 -45.94
C GLY E 243 38.87 0.53 -44.70
N LEU E 244 38.24 1.70 -44.79
CA LEU E 244 38.12 2.60 -43.65
C LEU E 244 36.72 2.62 -43.05
N TRP E 245 35.69 2.70 -43.88
CA TRP E 245 34.32 2.80 -43.37
C TRP E 245 33.91 1.52 -42.65
N GLY E 246 34.10 0.37 -43.29
CA GLY E 246 33.78 -0.90 -42.64
C GLY E 246 34.64 -1.13 -41.40
N ALA E 247 35.92 -0.79 -41.47
CA ALA E 247 36.79 -0.93 -40.32
C ALA E 247 36.34 -0.02 -39.18
N VAL E 248 35.95 1.22 -39.49
CA VAL E 248 35.46 2.13 -38.47
C VAL E 248 34.19 1.58 -37.83
N PHE E 249 33.28 1.06 -38.66
CA PHE E 249 32.06 0.48 -38.13
C PHE E 249 32.37 -0.70 -37.20
N ILE E 250 33.30 -1.56 -37.61
CA ILE E 250 33.61 -2.74 -36.80
C ILE E 250 34.28 -2.33 -35.49
N ILE E 251 35.20 -1.36 -35.54
CA ILE E 251 35.89 -0.94 -34.31
C ILE E 251 34.91 -0.26 -33.36
N TYR E 252 33.97 0.54 -33.88
CA TYR E 252 32.98 1.15 -32.99
C TYR E 252 31.96 0.12 -32.49
N THR E 253 31.67 -0.91 -33.29
CA THR E 253 30.87 -2.03 -32.80
C THR E 253 31.54 -2.73 -31.65
N ALA E 254 32.85 -2.97 -31.77
CA ALA E 254 33.60 -3.56 -30.67
C ALA E 254 33.59 -2.66 -29.45
N VAL E 255 33.70 -1.35 -29.67
CA VAL E 255 33.67 -0.39 -28.56
C VAL E 255 32.32 -0.45 -27.84
N LEU E 256 31.22 -0.54 -28.59
CA LEU E 256 29.91 -0.57 -27.99
C LEU E 256 29.50 -1.95 -27.50
N GLY E 257 30.26 -2.99 -27.83
CA GLY E 257 29.91 -4.33 -27.40
C GLY E 257 30.79 -4.92 -26.32
N PHE E 258 32.05 -4.49 -26.23
CA PHE E 258 33.00 -5.06 -25.28
C PHE E 258 33.68 -4.02 -24.40
N PHE E 259 33.94 -2.84 -24.94
CA PHE E 259 34.78 -1.86 -24.26
C PHE E 259 34.19 -1.43 -22.93
N ALA E 260 33.05 -0.75 -22.97
CA ALA E 260 32.35 -0.43 -21.73
C ALA E 260 31.57 -1.64 -21.20
N PRO E 261 30.59 -2.16 -21.96
CA PRO E 261 29.61 -3.07 -21.34
C PRO E 261 30.20 -4.31 -20.72
N LEU E 262 31.24 -4.91 -21.32
CA LEU E 262 31.93 -5.99 -20.62
C LEU E 262 32.94 -5.46 -19.63
N LEU E 263 33.99 -4.81 -20.14
CA LEU E 263 35.20 -4.55 -19.37
C LEU E 263 34.95 -3.68 -18.15
N VAL E 264 33.85 -2.95 -18.09
CA VAL E 264 33.48 -2.18 -16.91
C VAL E 264 32.32 -2.84 -16.17
N ILE E 265 31.17 -2.96 -16.82
CA ILE E 265 29.95 -3.39 -16.13
C ILE E 265 30.03 -4.85 -15.73
N CYS E 266 30.43 -5.72 -16.66
CA CYS E 266 30.34 -7.15 -16.38
C CYS E 266 31.37 -7.60 -15.35
N LEU E 267 32.52 -6.92 -15.27
CA LEU E 267 33.47 -7.21 -14.20
C LEU E 267 33.25 -6.32 -12.97
N CYS E 268 32.28 -5.39 -13.04
CA CYS E 268 31.77 -4.81 -11.80
C CYS E 268 31.08 -5.85 -10.93
N TYR E 269 30.59 -6.95 -11.54
CA TYR E 269 30.04 -8.04 -10.75
C TYR E 269 31.06 -8.58 -9.75
N LEU E 270 32.34 -8.64 -10.15
CA LEU E 270 33.37 -9.15 -9.25
C LEU E 270 33.54 -8.27 -8.02
N LEU E 271 33.19 -7.00 -8.13
CA LEU E 271 33.29 -6.11 -6.96
C LEU E 271 32.34 -6.54 -5.86
N ILE E 272 31.15 -7.02 -6.23
CA ILE E 272 30.18 -7.47 -5.23
C ILE E 272 30.73 -8.66 -4.45
N VAL E 273 31.27 -9.66 -5.16
CA VAL E 273 31.82 -10.83 -4.47
C VAL E 273 33.05 -10.44 -3.68
N VAL E 274 33.86 -9.49 -4.16
CA VAL E 274 35.03 -9.06 -3.42
C VAL E 274 34.62 -8.40 -2.11
N LYS E 275 33.65 -7.49 -2.17
CA LYS E 275 33.19 -6.82 -0.96
C LYS E 275 32.58 -7.81 0.02
N VAL E 276 31.77 -8.75 -0.48
CA VAL E 276 31.18 -9.73 0.42
C VAL E 276 32.26 -10.56 1.10
N ARG E 277 33.18 -11.12 0.31
CA ARG E 277 34.26 -11.94 0.86
C ARG E 277 35.10 -11.15 1.86
N ALA E 278 35.27 -9.85 1.64
CA ALA E 278 36.13 -9.05 2.50
C ALA E 278 35.44 -8.71 3.82
N ALA E 279 34.21 -8.20 3.75
CA ALA E 279 33.58 -7.61 4.93
C ALA E 279 32.28 -8.26 5.36
N GLY E 280 31.47 -8.78 4.43
CA GLY E 280 30.13 -9.20 4.80
C GLY E 280 30.13 -10.39 5.73
N VAL E 281 31.08 -11.30 5.55
CA VAL E 281 31.12 -12.53 6.32
C VAL E 281 32.17 -12.49 7.43
N ARG E 282 33.28 -11.78 7.24
CA ARG E 282 34.39 -11.85 8.18
C ARG E 282 33.97 -11.38 9.58
N VAL E 283 33.30 -10.22 9.66
CA VAL E 283 32.92 -9.69 10.96
C VAL E 283 31.74 -10.49 11.54
N GLY E 284 30.79 -10.88 10.69
CA GLY E 284 29.58 -11.52 11.16
C GLY E 284 29.75 -12.94 11.64
N CYS E 285 30.09 -13.85 10.74
CA CYS E 285 30.15 -15.27 11.07
C CYS E 285 31.50 -15.87 10.67
N VAL E 286 31.60 -17.20 10.75
CA VAL E 286 32.82 -17.92 10.41
C VAL E 286 32.65 -18.76 9.15
N ARG E 287 31.51 -19.43 9.00
CA ARG E 287 31.28 -20.26 7.83
C ARG E 287 31.17 -19.40 6.57
N ARG E 288 31.81 -19.87 5.50
CA ARG E 288 31.80 -19.16 4.22
C ARG E 288 30.68 -19.69 3.32
N ARG E 289 29.45 -19.62 3.85
CA ARG E 289 28.28 -20.02 3.09
C ARG E 289 27.85 -18.99 2.06
N SER E 290 28.37 -17.77 2.14
CA SER E 290 28.02 -16.69 1.22
C SER E 290 29.05 -16.50 0.11
N GLU E 291 29.87 -17.51 -0.15
CA GLU E 291 30.92 -17.44 -1.16
C GLU E 291 30.69 -18.36 -2.35
N ARG E 292 30.47 -19.66 -2.10
CA ARG E 292 30.37 -20.62 -3.20
C ARG E 292 29.17 -20.30 -4.08
N LYS E 293 28.02 -20.00 -3.47
CA LYS E 293 26.82 -19.75 -4.23
C LYS E 293 26.93 -18.48 -5.07
N VAL E 294 27.49 -17.42 -4.50
CA VAL E 294 27.62 -16.16 -5.25
C VAL E 294 28.67 -16.29 -6.35
N THR E 295 29.72 -17.08 -6.11
CA THR E 295 30.69 -17.33 -7.17
C THR E 295 30.06 -18.10 -8.32
N ARG E 296 29.29 -19.15 -8.00
CA ARG E 296 28.63 -19.97 -9.00
C ARG E 296 27.52 -19.23 -9.73
N MET E 297 27.37 -17.92 -9.45
CA MET E 297 26.56 -17.00 -10.22
C MET E 297 27.44 -16.03 -11.01
N VAL E 298 28.26 -15.25 -10.31
CA VAL E 298 28.98 -14.16 -10.95
C VAL E 298 30.01 -14.71 -11.93
N LEU E 299 30.80 -15.68 -11.48
CA LEU E 299 31.84 -16.25 -12.34
C LEU E 299 31.22 -16.93 -13.56
N VAL E 300 30.12 -17.66 -13.37
CA VAL E 300 29.54 -18.38 -14.48
C VAL E 300 28.95 -17.41 -15.49
N VAL E 301 28.31 -16.32 -15.02
CA VAL E 301 27.77 -15.33 -15.94
C VAL E 301 28.89 -14.68 -16.75
N VAL E 302 29.94 -14.24 -16.06
CA VAL E 302 31.06 -13.60 -16.75
C VAL E 302 31.67 -14.54 -17.77
N LEU E 303 31.92 -15.79 -17.35
CA LEU E 303 32.58 -16.76 -18.22
C LEU E 303 31.73 -17.09 -19.43
N VAL E 304 30.44 -17.36 -19.23
CA VAL E 304 29.60 -17.73 -20.36
C VAL E 304 29.47 -16.57 -21.33
N PHE E 305 29.26 -15.36 -20.82
CA PHE E 305 29.07 -14.22 -21.72
C PHE E 305 30.34 -13.97 -22.53
N ALA E 306 31.49 -13.90 -21.87
CA ALA E 306 32.73 -13.63 -22.59
C ALA E 306 33.05 -14.77 -23.56
N GLY E 307 32.89 -16.02 -23.12
CA GLY E 307 33.27 -17.14 -23.96
C GLY E 307 32.41 -17.27 -25.20
N CYS E 308 31.11 -17.01 -25.09
CA CYS E 308 30.22 -17.10 -26.22
C CYS E 308 30.05 -15.78 -26.96
N TRP E 309 30.76 -14.73 -26.53
CA TRP E 309 30.61 -13.44 -27.17
C TRP E 309 31.91 -12.89 -27.74
N LEU E 310 33.07 -13.46 -27.38
CA LEU E 310 34.38 -12.99 -27.83
C LEU E 310 34.74 -13.39 -29.26
N PRO E 311 34.54 -14.65 -29.67
CA PRO E 311 35.00 -15.03 -31.02
C PRO E 311 34.42 -14.20 -32.14
N PHE E 312 33.15 -13.81 -32.03
CA PHE E 312 32.48 -13.02 -33.08
C PHE E 312 33.21 -11.74 -33.42
N PHE E 313 33.78 -11.08 -32.43
CA PHE E 313 34.52 -9.84 -32.64
C PHE E 313 36.02 -10.03 -32.77
N THR E 314 36.58 -11.07 -32.14
CA THR E 314 37.99 -11.34 -32.35
C THR E 314 38.27 -11.73 -33.79
N VAL E 315 37.38 -12.49 -34.42
CA VAL E 315 37.59 -12.83 -35.83
C VAL E 315 37.40 -11.59 -36.71
N ASN E 316 36.43 -10.75 -36.37
CA ASN E 316 36.18 -9.54 -37.16
C ASN E 316 37.27 -8.50 -37.00
N ILE E 317 38.05 -8.56 -35.93
CA ILE E 317 39.22 -7.70 -35.79
C ILE E 317 40.47 -8.32 -36.39
N VAL E 318 40.67 -9.63 -36.24
CA VAL E 318 41.86 -10.29 -36.77
C VAL E 318 41.88 -10.20 -38.30
N ASN E 319 40.74 -10.49 -38.94
CA ASN E 319 40.67 -10.44 -40.39
C ASN E 319 40.61 -9.02 -40.93
N LEU E 320 40.44 -8.02 -40.05
CA LEU E 320 40.45 -6.63 -40.50
C LEU E 320 41.80 -6.26 -41.09
N ALA E 321 42.89 -6.70 -40.46
CA ALA E 321 44.24 -6.42 -40.95
C ALA E 321 44.79 -7.66 -41.64
N VAL E 322 44.90 -8.76 -40.90
CA VAL E 322 45.37 -10.03 -41.46
C VAL E 322 44.13 -10.76 -41.95
N ALA E 323 43.72 -10.47 -43.18
CA ALA E 323 42.49 -11.02 -43.73
C ALA E 323 42.56 -12.54 -43.78
N LEU E 324 41.49 -13.17 -43.34
CA LEU E 324 41.43 -14.63 -43.35
C LEU E 324 41.26 -15.13 -44.78
N PRO E 325 42.12 -16.04 -45.25
CA PRO E 325 41.96 -16.57 -46.60
C PRO E 325 40.67 -17.37 -46.73
N GLN E 326 40.17 -17.45 -47.96
CA GLN E 326 38.89 -18.10 -48.23
C GLN E 326 39.12 -19.59 -48.51
N GLU E 327 38.86 -20.41 -47.49
CA GLU E 327 38.81 -21.85 -47.60
C GLU E 327 37.51 -22.36 -46.98
N PRO E 328 37.08 -23.58 -47.34
CA PRO E 328 35.90 -24.15 -46.68
C PRO E 328 36.05 -24.27 -45.17
N ALA E 329 37.28 -24.35 -44.66
CA ALA E 329 37.47 -24.38 -43.22
C ALA E 329 37.01 -23.09 -42.56
N SER E 330 37.31 -21.94 -43.18
CA SER E 330 36.85 -20.67 -42.64
C SER E 330 35.33 -20.58 -42.65
N ALA E 331 34.70 -21.03 -43.73
CA ALA E 331 33.24 -21.02 -43.79
C ALA E 331 32.65 -21.94 -42.72
N GLY E 332 33.25 -23.12 -42.52
CA GLY E 332 32.77 -24.00 -41.48
C GLY E 332 32.93 -23.42 -40.09
N LEU E 333 34.04 -22.72 -39.85
CA LEU E 333 34.23 -22.04 -38.57
C LEU E 333 33.16 -20.97 -38.37
N TYR E 334 32.90 -20.18 -39.40
CA TYR E 334 31.86 -19.15 -39.31
C TYR E 334 30.45 -19.73 -39.24
N PHE E 335 30.29 -21.01 -39.61
CA PHE E 335 28.96 -21.62 -39.57
C PHE E 335 28.45 -21.74 -38.14
N PHE E 336 29.32 -22.11 -37.21
CA PHE E 336 28.93 -22.30 -35.81
C PHE E 336 29.19 -21.08 -34.94
N VAL E 337 30.00 -20.13 -35.42
CA VAL E 337 30.29 -18.93 -34.63
C VAL E 337 29.01 -18.12 -34.41
N VAL E 338 28.18 -18.01 -35.45
CA VAL E 338 26.89 -17.33 -35.31
C VAL E 338 26.01 -18.07 -34.30
N ILE E 339 26.08 -19.40 -34.30
CA ILE E 339 25.35 -20.17 -33.29
C ILE E 339 25.88 -19.85 -31.90
N LEU E 340 27.20 -19.75 -31.76
CA LEU E 340 27.76 -19.40 -30.45
C LEU E 340 27.46 -17.94 -30.10
N SER E 341 27.29 -17.07 -31.09
CA SER E 341 26.81 -15.73 -30.79
C SER E 341 25.39 -15.77 -30.25
N TYR E 342 24.53 -16.58 -30.86
CA TYR E 342 23.19 -16.83 -30.32
C TYR E 342 23.23 -17.49 -28.96
N ALA E 343 24.35 -18.13 -28.60
CA ALA E 343 24.45 -18.78 -27.30
C ALA E 343 24.22 -17.80 -26.17
N ASN E 344 24.69 -16.56 -26.32
CA ASN E 344 24.45 -15.54 -25.30
C ASN E 344 22.97 -15.31 -25.09
N SER E 345 22.22 -15.11 -26.18
CA SER E 345 20.80 -14.80 -26.05
C SER E 345 19.95 -16.01 -25.69
N CYS E 346 20.44 -17.24 -25.87
CA CYS E 346 19.64 -18.34 -25.35
C CYS E 346 19.99 -18.70 -23.91
N ALA E 347 21.21 -18.41 -23.46
CA ALA E 347 21.57 -18.70 -22.08
C ALA E 347 21.21 -17.58 -21.12
N ASN E 348 21.03 -16.36 -21.62
CA ASN E 348 20.67 -15.25 -20.74
C ASN E 348 19.32 -15.44 -20.06
N PRO E 349 18.23 -15.80 -20.76
CA PRO E 349 16.94 -15.93 -20.06
C PRO E 349 16.94 -16.99 -18.97
N VAL E 350 17.68 -18.08 -19.13
CA VAL E 350 17.66 -19.15 -18.13
C VAL E 350 18.62 -18.84 -17.00
N LEU E 351 19.75 -18.21 -17.29
CA LEU E 351 20.79 -18.00 -16.29
C LEU E 351 20.66 -16.65 -15.59
N TYR E 352 20.32 -15.60 -16.33
CA TYR E 352 20.28 -14.26 -15.74
C TYR E 352 19.02 -14.04 -14.92
N GLY E 353 17.92 -14.67 -15.29
CA GLY E 353 16.66 -14.40 -14.63
C GLY E 353 15.79 -15.62 -14.37
N PHE E 354 16.34 -16.82 -14.51
CA PHE E 354 15.56 -18.01 -14.24
C PHE E 354 16.26 -18.97 -13.29
N LEU E 355 17.59 -19.01 -13.30
CA LEU E 355 18.28 -19.98 -12.46
C LEU E 355 18.24 -19.56 -10.98
N SER E 356 18.24 -18.25 -10.71
CA SER E 356 18.14 -17.79 -9.34
C SER E 356 16.79 -18.18 -8.73
N ASP E 357 16.80 -18.51 -7.44
CA ASP E 357 15.58 -18.97 -6.78
C ASP E 357 14.53 -17.87 -6.66
N ASN E 358 14.96 -16.60 -6.67
CA ASN E 358 14.01 -15.50 -6.51
C ASN E 358 12.94 -15.51 -7.59
N PHE E 359 13.35 -15.69 -8.85
CA PHE E 359 12.39 -15.84 -9.94
C PHE E 359 11.97 -17.29 -10.16
N ARG E 360 12.77 -18.25 -9.68
CA ARG E 360 12.37 -19.65 -9.78
C ARG E 360 11.14 -19.93 -8.94
N GLN E 361 10.94 -19.17 -7.86
CA GLN E 361 9.74 -19.35 -7.04
C GLN E 361 8.48 -19.04 -7.85
N SER E 362 8.50 -17.96 -8.63
CA SER E 362 7.35 -17.58 -9.44
C SER E 362 7.33 -18.25 -10.81
N PHE E 363 8.42 -18.94 -11.19
CA PHE E 363 8.44 -19.64 -12.48
C PHE E 363 7.33 -20.67 -12.58
N GLN E 364 6.98 -21.32 -11.48
CA GLN E 364 5.93 -22.32 -11.51
C GLN E 364 4.56 -21.63 -11.63
N LYS E 365 3.56 -22.44 -11.99
CA LYS E 365 2.19 -21.98 -12.20
C LYS E 365 2.15 -20.87 -13.26
C 004 F 1 31.55 -9.23 -41.64
N 004 F 1 33.26 -10.14 -43.01
O 004 F 1 30.81 -9.52 -42.52
CA 004 F 1 33.06 -9.51 -41.77
CB 004 F 1 33.79 -8.16 -41.78
CE 004 F 1 35.10 -5.73 -41.81
CD1 004 F 1 35.57 -6.76 -41.01
CD2 004 F 1 33.97 -5.91 -42.60
CG1 004 F 1 34.90 -7.99 -41.00
CG2 004 F 1 33.32 -7.13 -42.58
N DTR F 2 31.09 -8.56 -40.41
CA DTR F 2 29.69 -8.30 -40.25
CB DTR F 2 29.47 -7.15 -39.29
CG DTR F 2 27.98 -7.09 -38.88
CD1 DTR F 2 26.89 -7.16 -39.74
NE1 DTR F 2 25.80 -7.10 -39.00
CE2 DTR F 2 26.13 -6.97 -37.68
CZ2 DTR F 2 25.33 -6.85 -36.52
CH2 DTR F 2 25.93 -6.73 -35.28
CZ3 DTR F 2 27.32 -6.72 -35.17
CE3 DTR F 2 28.11 -6.84 -36.30
CD2 DTR F 2 27.49 -6.96 -37.57
C DTR F 2 29.16 -9.61 -39.65
O DTR F 2 29.81 -10.21 -38.86
N LYS F 3 27.85 -10.14 -40.10
CA LYS F 3 27.38 -11.39 -39.53
C LYS F 3 27.77 -12.43 -40.57
N TYR F 4 28.48 -11.98 -41.83
CA TYR F 4 28.80 -13.05 -42.77
C TYR F 4 30.32 -13.22 -42.96
N PHA F 5 30.71 -14.46 -43.75
CA PHA F 5 32.07 -14.94 -44.09
C PHA F 5 33.22 -13.93 -43.95
O PHA F 5 34.05 -14.18 -43.14
CB PHA F 5 32.02 -15.58 -45.48
CG PHA F 5 33.41 -16.20 -45.74
CD1 PHA F 5 33.78 -17.30 -44.99
CD2 PHA F 5 34.26 -15.67 -46.71
CE1 PHA F 5 35.02 -17.88 -45.22
CE2 PHA F 5 35.51 -16.24 -46.91
CZ PHA F 5 35.88 -17.35 -46.16
N HYP F 6 33.40 -12.70 -44.73
CA HYP F 6 34.65 -11.71 -44.51
C HYP F 6 34.43 -11.02 -43.18
O HYP F 6 35.18 -11.19 -42.27
CB HYP F 6 34.61 -10.78 -45.48
CG HYP F 6 33.75 -11.45 -46.55
CD HYP F 6 32.66 -12.16 -45.69
OD1 HYP F 6 34.51 -12.38 -47.19
#